data_2W9B
#
_entry.id   2W9B
#
_cell.length_a   51.794
_cell.length_b   101.776
_cell.length_c   97.268
_cell.angle_alpha   90.00
_cell.angle_beta   91.95
_cell.angle_gamma   90.00
#
_symmetry.space_group_name_H-M   'P 1 21 1'
#
loop_
_entity.id
_entity.type
_entity.pdbx_description
1 polymer 'DNA POLYMERASE IV'
2 polymer 'DNA POLYMERASE IV'
3 polymer "5'-D(*GP*GP*GP*GP*GP*AP*AP*GP*GP*AP *TP*TP*CP*DOCP)-3'"
4 polymer "5'-D(*TP*CP*AP*TP*M2GP*GP*AP*AP*TP*CP*CP *TP*TP*CP*CP*CP*CP*C)-3'"
5 non-polymer 'MAGNESIUM ION'
6 water water
#
loop_
_entity_poly.entity_id
_entity_poly.type
_entity_poly.pdbx_seq_one_letter_code
_entity_poly.pdbx_strand_id
1 'polypeptide(L)'
;HHHHHHMIVLFVDFDYFYAQVEEVLNPSLKGKPVVVCVFSGRFEDSGAVATANYEARKFGVKAGIPIVEAKKILPNAVYL
PMRKEVYQQVSSRIMNLLREYSEKIEIASIDEAYLDISDKVRDYREAYNLGLEIKNKILEKEKITVTVGISKNKVFAKIA
ADMAKPNGIKVIDDEEVKRLIRELDIADVPGIGNITAEKLKKLGINKLVDTLSIEFDKLKGMIGEAKARYLISLARDEYN
EPIRTRVRKSIGRIVTMKRNSRNLEEIKPYLFRAIEESYYKLDKRIPKAIHVVAVTEDLDIVSRGRTFPHGISKETAYSE
SVKLLQKILEEDERKIRRIGVRFSKFIEAIGLDKFFDT
;
A
2 'polypeptide(L)'
;HHHHHHMIVLFVDFDYFYAQVEEVLNPSLKGKPVVVCVFSGRFEDSGAVATANYEARKFGVKAGIPIVEAKKILPNAVYL
PMRKEVYQQVSSRIMNLLREYSEKIEIASIDEAYLDISDKVRDYREAYNLGLEIKNKILEKEKITVTVGISKNKVFAKIA
ADMAKPNGIKVIDDEEVKRLIRELDIADVPGIGNITAEKLKKLGINKLVDTLSIEFDKLKGMIGEAKAKYLISLARDEYN
EPIRTRVRKSIGRIVTMKRNSRNLEEIKPYLFRAIEESYYKLDKRIPKAIHVVAVTEDLDIVSRGRTFPHGISKETAYSE
SVKLLQKILEEDERKIRRIGVRFSKFIEAIGLDKFFDT
;
B
3 'polydeoxyribonucleotide' (DG)(DG)(DG)(DG)(DG)(DA)(DA)(DG)(DG)(DA)(DT)(DT)(DC)(DOC) C,D
4 'polydeoxyribonucleotide' (DT)(DC)(DA)(DT)(O2G)(DG)(DA)(DA)(DT)(DC)(DC)(DT)(DT)(DC)(DC)(DC)(DC)(DC) E,F
#
loop_
_chem_comp.id
_chem_comp.type
_chem_comp.name
_chem_comp.formula
DA DNA linking 2'-DEOXYADENOSINE-5'-MONOPHOSPHATE 'C10 H14 N5 O6 P'
DC DNA linking 2'-DEOXYCYTIDINE-5'-MONOPHOSPHATE 'C9 H14 N3 O7 P'
DG DNA linking 2'-DEOXYGUANOSINE-5'-MONOPHOSPHATE 'C10 H14 N5 O7 P'
DOC DNA linking 2',3'-DIDEOXYCYTIDINE-5'-MONOPHOSPHATE 'C9 H14 N3 O6 P'
DT DNA linking THYMIDINE-5'-MONOPHOSPHATE 'C10 H15 N2 O8 P'
MG non-polymer 'MAGNESIUM ION' 'Mg 2'
O2G RNA linking 2'-DEOXY-N,N-DIMETHYL-5'-O-[OXIDO(OXO)PHOSPHONIO]GUANOSINE 'C12 H18 N5 O7 P'
#
# COMPACT_ATOMS: atom_id res chain seq x y z
N MET A 7 -36.37 30.02 22.05
CA MET A 7 -35.37 29.20 21.26
C MET A 7 -35.89 27.95 20.47
N ILE A 8 -35.36 27.74 19.22
CA ILE A 8 -35.63 26.60 18.20
C ILE A 8 -34.45 26.14 17.28
N VAL A 9 -34.17 24.84 17.35
CA VAL A 9 -33.01 24.19 16.73
C VAL A 9 -33.36 23.24 15.56
N LEU A 10 -32.60 23.47 14.46
CA LEU A 10 -32.53 22.71 13.20
C LEU A 10 -31.12 22.03 13.12
N PHE A 11 -31.10 20.74 12.89
CA PHE A 11 -29.82 20.00 12.95
C PHE A 11 -29.74 19.51 11.56
N VAL A 12 -28.54 19.28 11.02
CA VAL A 12 -28.43 18.70 9.63
C VAL A 12 -27.32 17.63 9.67
N ASP A 13 -27.64 16.44 9.17
CA ASP A 13 -26.68 15.29 9.16
C ASP A 13 -26.39 15.05 7.73
N PHE A 14 -25.38 14.25 7.35
CA PHE A 14 -24.72 14.27 6.03
C PHE A 14 -24.84 12.86 5.61
N ASP A 15 -25.58 12.58 4.55
CA ASP A 15 -25.95 11.20 4.41
C ASP A 15 -24.71 10.36 4.13
N TYR A 16 -24.57 9.32 4.96
CA TYR A 16 -23.40 8.41 5.02
C TYR A 16 -22.22 9.18 4.49
N PHE A 17 -21.88 10.24 5.21
CA PHE A 17 -20.82 11.08 4.73
C PHE A 17 -19.77 10.31 3.88
N TYR A 18 -18.72 9.83 4.49
CA TYR A 18 -17.69 9.14 3.72
C TYR A 18 -18.01 8.40 2.48
N ALA A 19 -19.11 7.64 2.43
CA ALA A 19 -19.47 6.79 1.26
C ALA A 19 -19.68 7.72 0.11
N GLN A 20 -20.36 8.80 0.43
CA GLN A 20 -20.70 9.81 -0.49
C GLN A 20 -19.54 10.61 -0.89
N VAL A 21 -18.75 11.25 -0.02
CA VAL A 21 -17.70 12.15 -0.55
C VAL A 21 -17.13 11.33 -1.77
N GLU A 22 -16.60 10.18 -1.47
CA GLU A 22 -16.12 9.33 -2.53
C GLU A 22 -17.16 9.16 -3.78
N GLU A 23 -18.44 9.41 -3.68
CA GLU A 23 -19.30 9.26 -4.87
C GLU A 23 -19.44 10.63 -5.54
N VAL A 24 -18.69 11.59 -5.02
CA VAL A 24 -18.58 12.96 -5.58
C VAL A 24 -17.23 13.04 -6.25
N LEU A 25 -16.27 12.32 -5.68
CA LEU A 25 -15.01 12.20 -6.32
C LEU A 25 -14.98 11.28 -7.49
N ASN A 26 -15.89 10.29 -7.58
CA ASN A 26 -15.92 9.32 -8.71
C ASN A 26 -17.33 8.98 -8.87
N PRO A 27 -18.01 9.73 -9.67
CA PRO A 27 -19.42 9.31 -9.73
C PRO A 27 -19.74 7.95 -10.39
N SER A 28 -18.72 7.29 -10.95
CA SER A 28 -18.99 6.08 -11.65
C SER A 28 -19.45 5.21 -10.51
N LEU A 29 -19.11 5.63 -9.27
CA LEU A 29 -19.60 4.90 -8.04
C LEU A 29 -21.12 4.88 -7.68
N LYS A 30 -21.83 5.95 -8.03
CA LYS A 30 -23.22 6.14 -7.66
C LYS A 30 -24.06 5.15 -8.33
N GLY A 31 -25.13 4.81 -7.62
CA GLY A 31 -25.88 3.61 -7.95
C GLY A 31 -25.40 2.31 -7.27
N LYS A 32 -24.10 2.16 -7.14
CA LYS A 32 -23.64 0.84 -6.71
C LYS A 32 -23.18 0.74 -5.30
N PRO A 33 -23.01 -0.51 -4.81
CA PRO A 33 -22.55 -0.75 -3.44
C PRO A 33 -21.27 -0.08 -3.11
N VAL A 34 -21.08 0.58 -1.99
CA VAL A 34 -19.73 1.18 -1.82
C VAL A 34 -19.29 1.10 -0.38
N VAL A 35 -18.05 0.67 -0.11
CA VAL A 35 -17.73 0.41 1.27
C VAL A 35 -16.42 0.99 1.82
N VAL A 36 -16.48 2.18 2.41
CA VAL A 36 -15.18 2.65 2.85
C VAL A 36 -14.66 1.92 4.09
N CYS A 37 -13.49 1.32 4.02
CA CYS A 37 -13.05 0.65 5.17
C CYS A 37 -11.68 1.05 5.61
N VAL A 38 -11.33 0.54 6.77
CA VAL A 38 -10.00 0.69 7.36
C VAL A 38 -9.25 -0.67 7.41
N PHE A 39 -8.27 -0.83 6.53
CA PHE A 39 -7.45 -1.97 6.34
C PHE A 39 -6.26 -1.87 7.27
N SER A 40 -6.03 -2.94 8.06
CA SER A 40 -4.85 -3.24 8.94
C SER A 40 -3.72 -3.91 8.06
N GLY A 41 -2.79 -4.53 8.74
CA GLY A 41 -1.78 -5.15 7.97
C GLY A 41 -1.85 -6.62 8.27
N ARG A 42 -2.21 -6.97 9.51
CA ARG A 42 -2.48 -8.38 9.86
C ARG A 42 -2.62 -9.30 8.58
N PHE A 43 -3.82 -9.57 8.05
CA PHE A 43 -3.95 -10.44 6.82
C PHE A 43 -4.46 -9.78 5.53
N GLU A 44 -4.08 -10.23 4.33
CA GLU A 44 -4.66 -9.64 3.08
C GLU A 44 -6.15 -9.26 3.31
N ASP A 45 -6.51 -7.99 3.03
CA ASP A 45 -7.87 -7.49 3.31
C ASP A 45 -8.38 -7.78 4.87
N SER A 46 -7.57 -7.22 5.81
CA SER A 46 -7.74 -7.29 7.28
C SER A 46 -8.23 -5.92 7.68
N GLY A 47 -9.18 -5.80 8.61
CA GLY A 47 -9.77 -4.45 8.80
C GLY A 47 -11.21 -4.37 9.28
N ALA A 48 -11.83 -3.18 9.24
CA ALA A 48 -13.25 -3.12 9.63
C ALA A 48 -14.05 -2.28 8.61
N VAL A 49 -15.35 -2.52 8.23
CA VAL A 49 -16.03 -1.47 7.42
C VAL A 49 -16.04 -0.21 8.27
N ALA A 50 -16.09 0.97 7.62
CA ALA A 50 -16.16 2.38 8.26
C ALA A 50 -17.37 3.26 7.91
N THR A 51 -17.87 3.09 6.68
CA THR A 51 -19.15 3.63 6.19
C THR A 51 -19.51 2.83 4.92
N ALA A 52 -20.82 2.66 4.75
CA ALA A 52 -21.27 2.10 3.52
C ALA A 52 -22.56 2.77 3.07
N ASN A 53 -22.77 2.88 1.77
CA ASN A 53 -24.01 3.53 1.33
C ASN A 53 -25.17 2.55 1.49
N TYR A 54 -26.39 2.97 1.15
CA TYR A 54 -27.50 2.03 1.24
C TYR A 54 -27.44 0.85 0.31
N GLU A 55 -26.80 0.98 -0.86
CA GLU A 55 -26.57 -0.17 -1.72
C GLU A 55 -25.75 -1.26 -0.97
N ALA A 56 -25.06 -0.85 0.10
CA ALA A 56 -24.33 -1.78 0.96
C ALA A 56 -25.09 -1.96 2.24
N ARG A 57 -25.44 -0.87 2.89
CA ARG A 57 -26.07 -1.14 4.14
C ARG A 57 -27.26 -2.09 3.84
N LYS A 58 -28.04 -1.75 2.84
CA LYS A 58 -29.24 -2.60 2.60
C LYS A 58 -29.09 -4.16 2.50
N PHE A 59 -27.86 -4.64 2.38
CA PHE A 59 -27.64 -6.14 2.25
C PHE A 59 -26.85 -6.68 3.43
N GLY A 60 -26.69 -5.78 4.38
CA GLY A 60 -26.24 -6.15 5.66
C GLY A 60 -24.94 -5.54 5.97
N VAL A 61 -24.35 -4.84 5.02
CA VAL A 61 -23.01 -4.34 5.26
C VAL A 61 -23.00 -2.97 6.02
N LYS A 62 -22.40 -2.92 7.20
CA LYS A 62 -22.45 -1.67 8.00
C LYS A 62 -21.18 -1.36 8.80
N ALA A 63 -21.03 -0.09 9.23
CA ALA A 63 -19.81 0.44 9.94
C ALA A 63 -19.67 -0.46 11.08
N GLY A 64 -18.51 -1.06 11.25
CA GLY A 64 -18.30 -1.96 12.36
C GLY A 64 -17.69 -3.33 12.02
N ILE A 65 -18.29 -3.89 10.95
CA ILE A 65 -18.15 -5.28 10.65
C ILE A 65 -16.82 -5.47 9.97
N PRO A 66 -16.23 -6.67 10.11
CA PRO A 66 -14.95 -7.08 9.53
C PRO A 66 -15.12 -7.02 8.04
N ILE A 67 -14.04 -6.67 7.40
CA ILE A 67 -14.10 -6.42 5.99
C ILE A 67 -14.39 -7.77 5.39
N VAL A 68 -13.81 -8.83 5.98
CA VAL A 68 -13.97 -10.19 5.45
C VAL A 68 -15.35 -10.78 5.58
N GLU A 69 -15.99 -10.53 6.69
CA GLU A 69 -17.41 -10.82 6.67
C GLU A 69 -18.27 -9.82 5.92
N ALA A 70 -17.65 -8.92 5.20
CA ALA A 70 -18.46 -8.15 4.29
C ALA A 70 -18.22 -8.83 2.96
N LYS A 71 -16.95 -9.07 2.69
CA LYS A 71 -16.57 -9.51 1.38
C LYS A 71 -17.31 -10.78 1.13
N LYS A 72 -17.80 -11.36 2.22
CA LYS A 72 -18.73 -12.50 2.21
C LYS A 72 -20.13 -12.20 1.67
N ILE A 73 -20.72 -11.12 2.20
CA ILE A 73 -22.12 -10.76 1.91
C ILE A 73 -22.33 -10.10 0.54
N LEU A 74 -21.42 -9.19 0.20
CA LEU A 74 -21.41 -8.56 -1.06
C LEU A 74 -19.99 -8.46 -1.49
N PRO A 75 -19.52 -9.54 -2.10
CA PRO A 75 -18.14 -9.66 -2.62
C PRO A 75 -17.72 -8.78 -3.83
N ASN A 76 -18.67 -8.40 -4.67
CA ASN A 76 -18.42 -7.52 -5.78
C ASN A 76 -18.76 -5.98 -5.39
N ALA A 77 -18.74 -5.63 -4.09
CA ALA A 77 -18.95 -4.24 -3.66
C ALA A 77 -17.64 -3.50 -4.03
N VAL A 78 -17.63 -2.15 -4.00
CA VAL A 78 -16.34 -1.42 -4.29
C VAL A 78 -15.74 -1.18 -2.90
N TYR A 79 -14.59 -1.75 -2.71
CA TYR A 79 -13.86 -1.59 -1.48
C TYR A 79 -12.78 -0.42 -1.46
N LEU A 80 -13.06 0.64 -0.69
CA LEU A 80 -12.13 1.76 -0.58
C LEU A 80 -11.52 2.17 0.75
N PRO A 81 -10.26 2.39 0.69
CA PRO A 81 -9.68 2.73 1.91
C PRO A 81 -10.22 4.07 2.22
N MET A 82 -10.28 4.28 3.51
CA MET A 82 -10.61 5.44 4.28
C MET A 82 -9.69 6.56 3.87
N ARG A 83 -10.29 7.60 3.25
CA ARG A 83 -9.57 8.89 2.98
C ARG A 83 -10.16 10.03 3.92
N LYS A 84 -9.66 10.07 5.15
CA LYS A 84 -10.20 10.91 6.19
C LYS A 84 -10.09 12.39 5.83
N GLU A 85 -8.85 12.81 5.62
CA GLU A 85 -8.54 14.22 5.48
C GLU A 85 -9.40 14.74 4.41
N VAL A 86 -9.53 13.90 3.40
CA VAL A 86 -10.21 14.32 2.21
C VAL A 86 -11.61 14.68 2.55
N TYR A 87 -12.24 13.88 3.42
CA TYR A 87 -13.57 14.26 3.98
C TYR A 87 -13.64 15.32 5.13
N GLN A 88 -12.54 15.57 5.81
CA GLN A 88 -12.65 16.59 6.78
C GLN A 88 -12.83 17.88 5.99
N GLN A 89 -12.03 18.07 4.94
CA GLN A 89 -12.02 19.40 4.21
C GLN A 89 -13.32 19.64 3.56
N VAL A 90 -13.78 18.62 2.86
CA VAL A 90 -15.08 18.77 2.25
C VAL A 90 -16.05 19.14 3.35
N SER A 91 -15.99 18.41 4.44
CA SER A 91 -16.95 18.71 5.45
C SER A 91 -16.87 20.13 5.83
N SER A 92 -15.69 20.74 5.85
CA SER A 92 -15.57 22.12 6.36
C SER A 92 -16.05 23.16 5.35
N ARG A 93 -15.80 22.88 4.09
CA ARG A 93 -16.37 23.66 3.06
C ARG A 93 -17.82 23.79 3.41
N ILE A 94 -18.50 22.71 3.78
CA ILE A 94 -19.92 22.80 4.12
C ILE A 94 -20.10 23.36 5.51
N MET A 95 -19.07 23.30 6.35
CA MET A 95 -19.42 23.93 7.59
C MET A 95 -19.66 25.41 7.30
N ASN A 96 -18.73 26.09 6.56
CA ASN A 96 -18.87 27.53 6.35
C ASN A 96 -20.07 27.91 5.55
N LEU A 97 -20.46 27.15 4.53
CA LEU A 97 -21.78 27.39 3.86
C LEU A 97 -23.01 27.37 4.87
N LEU A 98 -22.97 26.47 5.85
CA LEU A 98 -23.98 26.42 6.90
C LEU A 98 -23.98 27.72 7.67
N ARG A 99 -22.82 28.09 8.21
CA ARG A 99 -22.72 29.32 8.98
C ARG A 99 -23.18 30.55 8.15
N GLU A 100 -23.48 30.29 6.88
CA GLU A 100 -23.95 31.29 5.88
C GLU A 100 -25.44 31.65 6.03
N TYR A 101 -25.87 31.47 7.28
CA TYR A 101 -27.26 31.39 7.61
C TYR A 101 -27.25 31.72 9.06
N SER A 102 -26.40 31.00 9.83
CA SER A 102 -26.26 31.20 11.29
C SER A 102 -24.94 31.65 11.94
N GLU A 103 -24.99 32.52 12.91
CA GLU A 103 -23.76 32.99 13.54
C GLU A 103 -23.34 32.04 14.69
N LYS A 104 -24.32 31.63 15.50
CA LYS A 104 -24.13 30.59 16.54
C LYS A 104 -24.51 29.14 16.05
N ILE A 105 -23.53 28.60 15.33
CA ILE A 105 -23.53 27.26 14.77
C ILE A 105 -22.80 26.32 15.74
N GLU A 106 -23.36 25.13 15.86
CA GLU A 106 -22.69 24.12 16.59
C GLU A 106 -22.29 22.94 15.75
N ILE A 107 -20.99 22.70 15.63
CA ILE A 107 -20.46 21.61 14.83
C ILE A 107 -20.21 20.37 15.70
N ALA A 108 -21.26 19.54 15.77
CA ALA A 108 -21.25 18.31 16.63
C ALA A 108 -20.27 17.24 16.19
N SER A 109 -20.02 17.10 14.89
CA SER A 109 -18.98 16.23 14.38
C SER A 109 -18.88 16.53 12.94
N ILE A 110 -17.77 16.09 12.39
CA ILE A 110 -17.60 16.08 10.94
C ILE A 110 -18.81 15.85 10.07
N ASP A 111 -19.76 14.97 10.45
CA ASP A 111 -21.01 14.81 9.64
C ASP A 111 -22.34 15.40 10.26
N GLU A 112 -22.24 16.11 11.41
CA GLU A 112 -23.45 16.67 12.16
C GLU A 112 -23.24 18.04 12.80
N ALA A 113 -24.32 18.84 12.79
CA ALA A 113 -24.29 20.17 13.36
C ALA A 113 -25.63 20.88 13.48
N TYR A 114 -25.75 21.63 14.58
CA TYR A 114 -27.02 22.22 14.96
C TYR A 114 -26.97 23.70 14.76
N LEU A 115 -28.14 24.29 14.70
CA LEU A 115 -28.33 25.68 14.34
C LEU A 115 -29.50 26.23 15.18
N ASP A 116 -29.47 27.51 15.48
CA ASP A 116 -30.60 28.13 16.14
C ASP A 116 -31.19 28.96 15.01
N ILE A 117 -32.19 28.44 14.31
CA ILE A 117 -32.86 29.31 13.36
C ILE A 117 -33.79 30.33 14.06
N SER A 118 -33.52 30.54 15.37
CA SER A 118 -34.44 31.22 16.32
C SER A 118 -34.99 32.60 15.95
N ASP A 119 -34.19 33.68 16.09
CA ASP A 119 -34.62 34.98 15.50
C ASP A 119 -34.76 35.00 13.94
N LYS A 120 -34.45 33.87 13.30
CA LYS A 120 -34.52 33.69 11.86
C LYS A 120 -35.89 33.08 11.52
N VAL A 121 -36.10 31.82 11.90
CA VAL A 121 -37.48 31.37 11.82
C VAL A 121 -38.32 31.12 13.13
N ARG A 122 -39.44 31.83 13.22
CA ARG A 122 -40.43 31.50 14.20
C ARG A 122 -41.62 30.85 13.42
N ASP A 123 -41.70 29.51 13.54
CA ASP A 123 -42.71 28.54 13.01
C ASP A 123 -42.28 27.40 12.07
N TYR A 124 -43.01 26.28 12.21
CA TYR A 124 -42.84 25.02 11.48
C TYR A 124 -43.32 25.11 10.01
N ARG A 125 -43.75 26.32 9.60
CA ARG A 125 -44.14 26.62 8.24
C ARG A 125 -42.83 26.95 7.59
N GLU A 126 -42.24 27.97 8.20
CA GLU A 126 -41.08 28.71 7.78
C GLU A 126 -39.95 27.98 8.41
N ALA A 127 -40.10 26.69 8.49
CA ALA A 127 -39.08 25.89 9.12
C ALA A 127 -38.76 24.86 8.06
N TYR A 128 -39.74 24.02 7.81
CA TYR A 128 -39.75 23.05 6.75
C TYR A 128 -39.33 23.74 5.45
N ASN A 129 -39.66 25.03 5.38
CA ASN A 129 -39.30 25.92 4.28
C ASN A 129 -37.78 26.08 4.07
N LEU A 130 -37.18 26.86 4.96
CA LEU A 130 -35.76 27.10 5.03
C LEU A 130 -34.94 25.84 5.33
N GLY A 131 -35.57 24.82 5.91
CA GLY A 131 -34.76 23.65 6.26
C GLY A 131 -34.30 23.31 4.90
N LEU A 132 -35.26 22.72 4.17
CA LEU A 132 -35.26 22.47 2.72
C LEU A 132 -34.50 23.52 1.96
N GLU A 133 -34.77 24.79 2.30
CA GLU A 133 -33.84 25.81 1.79
C GLU A 133 -32.43 25.29 1.77
N ILE A 134 -31.77 25.23 2.91
CA ILE A 134 -30.41 24.72 2.83
C ILE A 134 -30.24 23.37 2.11
N LYS A 135 -31.24 22.46 2.18
CA LYS A 135 -30.97 21.05 1.70
C LYS A 135 -30.87 20.82 0.17
N ASN A 136 -31.34 21.81 -0.57
CA ASN A 136 -31.00 21.85 -1.99
C ASN A 136 -29.69 22.67 -2.34
N LYS A 137 -29.30 23.57 -1.45
CA LYS A 137 -28.15 24.37 -1.69
C LYS A 137 -26.92 23.58 -1.38
N ILE A 138 -27.02 22.62 -0.45
CA ILE A 138 -25.77 21.93 -0.06
C ILE A 138 -25.32 21.06 -1.24
N LEU A 139 -26.32 20.37 -1.79
CA LEU A 139 -26.33 19.60 -3.01
C LEU A 139 -25.93 20.41 -4.17
N GLU A 140 -26.74 21.41 -4.57
CA GLU A 140 -26.41 22.20 -5.76
C GLU A 140 -24.96 22.67 -5.74
N LYS A 141 -24.58 23.39 -4.68
CA LYS A 141 -23.22 23.92 -4.53
C LYS A 141 -22.22 22.86 -4.13
N GLU A 142 -22.56 21.57 -4.16
CA GLU A 142 -21.59 20.61 -3.65
C GLU A 142 -21.89 19.16 -4.00
N LYS A 143 -23.08 18.87 -4.50
CA LYS A 143 -23.37 17.53 -4.99
C LYS A 143 -23.59 16.54 -3.85
N ILE A 144 -23.54 17.08 -2.63
CA ILE A 144 -23.75 16.30 -1.39
C ILE A 144 -25.14 16.39 -0.66
N THR A 145 -25.66 15.25 -0.20
CA THR A 145 -27.04 15.23 0.29
C THR A 145 -27.14 14.96 1.77
N VAL A 146 -28.19 15.50 2.43
CA VAL A 146 -28.30 15.46 3.89
C VAL A 146 -29.68 15.02 4.20
N THR A 147 -30.08 15.37 5.43
CA THR A 147 -31.33 15.22 6.19
C THR A 147 -31.22 16.28 7.28
N VAL A 148 -32.29 17.02 7.37
CA VAL A 148 -32.46 18.13 8.23
C VAL A 148 -33.59 17.73 9.10
N GLY A 149 -33.53 18.18 10.33
CA GLY A 149 -34.68 17.94 11.17
C GLY A 149 -34.87 19.07 12.13
N ILE A 150 -36.17 19.21 12.49
CA ILE A 150 -36.76 20.28 13.33
C ILE A 150 -37.38 19.98 14.71
N SER A 151 -36.93 20.78 15.70
CA SER A 151 -37.54 21.00 17.07
C SER A 151 -36.71 21.62 18.29
N LYS A 152 -37.46 22.18 19.28
CA LYS A 152 -37.03 22.94 20.54
C LYS A 152 -35.58 22.79 21.11
N ASN A 153 -35.03 21.61 20.89
CA ASN A 153 -33.69 21.38 21.38
C ASN A 153 -32.81 20.50 20.43
N LYS A 154 -31.52 20.41 20.81
CA LYS A 154 -30.50 19.69 20.14
C LYS A 154 -31.15 18.40 19.87
N VAL A 155 -31.21 17.66 20.98
CA VAL A 155 -31.56 16.23 20.99
C VAL A 155 -32.79 15.93 20.15
N PHE A 156 -33.83 16.66 20.46
CA PHE A 156 -35.01 16.43 19.70
C PHE A 156 -34.97 16.62 18.19
N ALA A 157 -33.90 17.27 17.70
CA ALA A 157 -33.75 17.54 16.27
C ALA A 157 -33.14 16.22 15.75
N LYS A 158 -31.95 15.84 16.26
CA LYS A 158 -31.41 14.47 15.95
C LYS A 158 -32.41 13.35 15.76
N ILE A 159 -33.51 13.31 16.48
CA ILE A 159 -34.51 12.23 16.28
C ILE A 159 -35.37 12.46 14.99
N ALA A 160 -35.71 13.75 14.88
CA ALA A 160 -36.33 14.28 13.71
C ALA A 160 -35.43 13.70 12.52
N ALA A 161 -34.16 14.15 12.41
CA ALA A 161 -33.23 13.60 11.39
C ALA A 161 -33.16 12.09 11.43
N ASP A 162 -32.84 11.44 12.53
CA ASP A 162 -32.64 9.97 12.57
C ASP A 162 -33.74 9.15 11.87
N MET A 163 -34.99 9.54 11.99
CA MET A 163 -36.15 8.68 11.49
C MET A 163 -36.75 9.03 10.09
N ALA A 164 -36.17 10.13 9.56
CA ALA A 164 -36.28 10.57 8.17
C ALA A 164 -35.01 10.43 7.29
N LYS A 165 -33.79 10.51 7.80
CA LYS A 165 -32.66 10.29 6.92
C LYS A 165 -32.87 9.02 6.07
N PRO A 166 -32.19 8.95 4.88
CA PRO A 166 -31.25 9.96 4.31
C PRO A 166 -32.17 10.83 3.42
N ASN A 167 -31.53 11.69 2.64
CA ASN A 167 -32.19 12.67 1.83
C ASN A 167 -33.51 13.23 2.44
N GLY A 168 -33.58 13.41 3.75
CA GLY A 168 -34.92 13.65 4.32
C GLY A 168 -35.16 14.90 5.13
N ILE A 169 -36.43 15.33 5.26
CA ILE A 169 -36.64 16.52 6.10
C ILE A 169 -37.64 16.42 7.23
N LYS A 170 -37.12 16.36 8.44
CA LYS A 170 -38.12 16.09 9.41
C LYS A 170 -38.67 17.22 10.14
N VAL A 171 -40.01 17.29 10.13
CA VAL A 171 -40.72 18.21 11.07
C VAL A 171 -41.30 17.64 12.45
N ILE A 172 -41.06 18.32 13.59
CA ILE A 172 -41.66 17.75 14.82
C ILE A 172 -42.37 18.65 15.89
N ASP A 173 -43.62 19.03 15.61
CA ASP A 173 -44.53 19.75 16.54
C ASP A 173 -44.09 19.60 18.02
N ASP A 174 -43.95 20.71 18.76
CA ASP A 174 -43.65 20.70 20.23
C ASP A 174 -44.84 20.04 21.04
N GLU A 175 -45.76 19.42 20.29
CA GLU A 175 -46.79 18.55 20.84
C GLU A 175 -46.17 17.17 20.84
N GLU A 176 -45.44 16.86 19.79
CA GLU A 176 -44.87 15.54 19.68
C GLU A 176 -43.53 15.34 20.40
N VAL A 177 -43.00 16.43 20.95
CA VAL A 177 -41.83 16.42 21.82
C VAL A 177 -42.22 15.53 23.00
N LYS A 178 -43.41 15.82 23.50
CA LYS A 178 -44.15 14.99 24.51
C LYS A 178 -44.54 13.59 23.92
N ARG A 179 -45.70 13.51 23.26
CA ARG A 179 -46.07 12.35 22.44
C ARG A 179 -44.95 11.40 22.09
N LEU A 180 -43.72 11.87 21.95
CA LEU A 180 -42.58 10.98 21.77
C LEU A 180 -42.39 10.18 23.02
N ILE A 181 -42.03 10.94 24.07
CA ILE A 181 -41.64 10.48 25.46
C ILE A 181 -42.32 9.19 25.82
N ARG A 182 -43.62 9.40 25.97
CA ARG A 182 -44.63 8.37 25.98
C ARG A 182 -44.81 7.89 24.53
N GLU A 183 -44.21 6.75 24.15
CA GLU A 183 -44.34 6.22 22.79
C GLU A 183 -43.04 5.73 22.18
N LEU A 184 -41.94 6.44 22.43
CA LEU A 184 -40.70 6.16 21.67
C LEU A 184 -39.76 5.18 22.27
N ASP A 185 -39.01 4.38 21.48
CA ASP A 185 -38.01 3.48 22.10
C ASP A 185 -36.84 4.29 22.55
N ILE A 186 -36.29 3.88 23.68
CA ILE A 186 -35.32 4.67 24.38
C ILE A 186 -33.90 4.36 24.04
N ALA A 187 -33.65 3.25 23.32
CA ALA A 187 -32.29 2.90 22.83
C ALA A 187 -31.90 3.86 21.72
N ASP A 188 -32.89 4.68 21.37
CA ASP A 188 -32.74 5.56 20.21
C ASP A 188 -32.60 6.91 20.78
N VAL A 189 -31.76 7.03 21.78
CA VAL A 189 -31.59 8.35 22.33
C VAL A 189 -30.17 8.80 22.18
N PRO A 190 -30.01 9.92 21.49
CA PRO A 190 -28.67 10.36 21.30
C PRO A 190 -27.93 10.11 22.62
N GLY A 191 -26.77 9.49 22.53
CA GLY A 191 -26.04 9.16 23.71
C GLY A 191 -26.38 7.76 24.29
N ILE A 192 -27.54 7.20 23.96
CA ILE A 192 -27.90 5.89 24.50
C ILE A 192 -27.50 4.87 23.51
N GLY A 193 -26.52 4.03 23.89
CA GLY A 193 -26.14 2.93 23.03
C GLY A 193 -26.73 1.56 23.37
N ASN A 194 -26.19 0.53 22.76
CA ASN A 194 -26.45 -0.83 23.20
C ASN A 194 -26.36 -0.96 24.77
N ILE A 195 -25.14 -0.83 25.33
CA ILE A 195 -24.85 -0.93 26.80
C ILE A 195 -25.79 -0.27 27.83
N THR A 196 -26.29 0.92 27.50
CA THR A 196 -27.11 1.65 28.43
C THR A 196 -28.51 1.19 28.22
N ALA A 197 -28.89 1.14 26.93
CA ALA A 197 -30.19 0.54 26.49
C ALA A 197 -30.20 -0.75 27.35
N GLU A 198 -29.45 -1.79 27.01
CA GLU A 198 -29.25 -2.89 27.94
C GLU A 198 -29.48 -2.51 29.44
N LYS A 199 -28.56 -1.72 30.02
CA LYS A 199 -28.70 -1.45 31.44
C LYS A 199 -30.12 -0.88 31.81
N LEU A 200 -30.90 -0.56 30.78
CA LEU A 200 -32.15 0.13 31.09
C LEU A 200 -33.51 -0.63 31.20
N LYS A 201 -33.64 -1.83 30.63
CA LYS A 201 -34.90 -2.57 30.72
C LYS A 201 -34.81 -3.37 31.97
N LYS A 202 -33.58 -3.54 32.49
CA LYS A 202 -33.30 -4.22 33.77
C LYS A 202 -33.66 -3.20 34.85
N LEU A 203 -33.85 -1.97 34.45
CA LEU A 203 -34.26 -0.98 35.44
C LEU A 203 -35.74 -0.76 35.26
N GLY A 204 -36.29 -1.54 34.34
CA GLY A 204 -37.72 -1.50 34.01
C GLY A 204 -38.03 -0.58 32.83
N ILE A 205 -37.22 0.46 32.61
CA ILE A 205 -37.35 1.44 31.52
C ILE A 205 -37.11 1.00 30.02
N ASN A 206 -38.21 1.19 29.25
CA ASN A 206 -38.34 1.01 27.78
C ASN A 206 -38.59 2.40 27.05
N LYS A 207 -39.00 3.45 27.80
CA LYS A 207 -39.06 4.81 27.22
C LYS A 207 -38.64 6.02 28.12
N LEU A 208 -39.05 7.20 27.71
CA LEU A 208 -38.52 8.33 28.39
C LEU A 208 -39.29 8.54 29.58
N VAL A 209 -40.60 8.61 29.33
CA VAL A 209 -41.57 8.82 30.37
C VAL A 209 -41.36 7.80 31.45
N ASP A 210 -40.99 6.62 31.01
CA ASP A 210 -40.77 5.58 31.99
C ASP A 210 -39.61 5.86 32.88
N THR A 211 -38.99 7.05 32.87
CA THR A 211 -37.80 7.38 33.75
C THR A 211 -38.29 8.11 35.00
N LEU A 212 -39.55 8.47 34.93
CA LEU A 212 -40.23 9.17 36.01
C LEU A 212 -40.89 8.22 37.00
N SER A 213 -40.98 6.93 36.63
CA SER A 213 -41.50 5.91 37.57
C SER A 213 -40.39 5.60 38.60
N ILE A 214 -39.60 4.54 38.32
CA ILE A 214 -38.32 4.20 38.97
C ILE A 214 -37.56 5.27 39.83
N GLU A 215 -37.16 4.84 41.03
CA GLU A 215 -36.16 5.56 41.85
C GLU A 215 -34.92 6.01 41.03
N PHE A 216 -34.32 7.05 41.60
CA PHE A 216 -33.40 7.95 40.93
C PHE A 216 -31.99 7.73 41.49
N ASP A 217 -31.92 7.20 42.69
CA ASP A 217 -30.62 6.98 43.29
C ASP A 217 -30.18 5.56 42.90
N LYS A 218 -31.16 4.79 42.38
CA LYS A 218 -31.03 3.45 41.76
C LYS A 218 -30.66 3.63 40.28
N LEU A 219 -31.13 4.74 39.69
CA LEU A 219 -30.76 5.21 38.34
C LEU A 219 -29.30 5.57 38.39
N LYS A 220 -28.97 6.36 39.41
CA LYS A 220 -27.64 6.77 39.65
C LYS A 220 -26.70 5.61 39.33
N GLY A 221 -26.43 4.72 40.27
CA GLY A 221 -25.51 3.63 39.97
C GLY A 221 -25.84 2.74 38.77
N MET A 222 -26.96 2.99 38.11
CA MET A 222 -27.18 2.18 36.94
C MET A 222 -26.67 2.85 35.65
N ILE A 223 -26.65 4.18 35.68
CA ILE A 223 -26.25 4.93 34.52
C ILE A 223 -25.40 6.10 34.96
N GLY A 224 -25.75 6.66 36.11
CA GLY A 224 -25.05 7.86 36.61
C GLY A 224 -25.96 9.01 36.32
N GLU A 225 -25.75 10.05 37.10
CA GLU A 225 -26.67 11.16 37.24
C GLU A 225 -26.69 11.91 35.99
N ALA A 226 -25.48 11.85 35.45
CA ALA A 226 -25.10 12.02 34.04
C ALA A 226 -26.34 11.95 33.13
N LYS A 227 -26.47 10.76 32.49
CA LYS A 227 -27.60 10.31 31.73
C LYS A 227 -28.85 10.65 32.58
N ALA A 228 -28.85 10.23 33.86
CA ALA A 228 -29.97 10.23 34.82
C ALA A 228 -30.77 11.44 34.56
N ARG A 229 -30.27 12.58 35.04
CA ARG A 229 -30.94 13.89 34.94
C ARG A 229 -31.29 14.18 33.52
N TYR A 230 -30.29 13.88 32.68
CA TYR A 230 -30.38 13.99 31.25
C TYR A 230 -31.56 13.27 30.72
N LEU A 231 -31.75 11.98 31.08
CA LEU A 231 -32.89 11.21 30.51
C LEU A 231 -34.21 11.78 31.05
N ILE A 232 -34.12 12.29 32.27
CA ILE A 232 -35.17 12.91 33.12
C ILE A 232 -35.78 14.26 32.63
N SER A 233 -34.87 15.19 32.36
CA SER A 233 -35.20 16.47 31.75
C SER A 233 -35.92 16.27 30.47
N LEU A 234 -35.62 15.24 29.71
CA LEU A 234 -36.40 15.10 28.50
C LEU A 234 -37.78 14.48 28.68
N ALA A 235 -38.03 13.89 29.84
CA ALA A 235 -39.39 13.38 30.07
C ALA A 235 -40.28 14.50 30.64
N ARG A 236 -39.78 15.73 30.53
CA ARG A 236 -40.47 16.93 31.04
C ARG A 236 -41.04 17.86 29.92
N ASP A 237 -40.33 17.92 28.77
CA ASP A 237 -40.53 18.79 27.52
C ASP A 237 -39.48 19.92 27.60
N GLU A 238 -38.81 19.97 28.76
CA GLU A 238 -37.82 20.96 28.96
C GLU A 238 -36.50 20.54 28.23
N TYR A 239 -35.51 19.95 28.92
CA TYR A 239 -34.15 19.84 28.34
C TYR A 239 -33.53 21.28 28.18
N ASN A 240 -33.90 21.93 27.06
CA ASN A 240 -33.58 23.32 26.67
C ASN A 240 -32.20 23.60 27.05
N GLU A 241 -31.34 23.35 26.10
CA GLU A 241 -29.92 23.50 26.32
C GLU A 241 -29.50 24.09 25.01
N PRO A 242 -28.63 25.13 25.10
CA PRO A 242 -28.22 25.98 23.97
C PRO A 242 -26.99 25.73 23.17
N ILE A 243 -27.11 25.84 21.86
CA ILE A 243 -25.97 25.72 20.99
C ILE A 243 -24.53 26.23 21.42
N ARG A 244 -23.91 25.53 22.37
CA ARG A 244 -22.50 25.70 22.75
C ARG A 244 -21.69 25.87 21.49
N THR A 245 -20.42 26.17 21.65
CA THR A 245 -19.53 26.30 20.53
C THR A 245 -18.91 24.94 20.26
N ARG A 246 -18.16 24.43 21.23
CA ARG A 246 -17.45 23.13 21.15
C ARG A 246 -16.22 23.04 20.28
N VAL A 247 -15.28 22.27 20.77
CA VAL A 247 -13.97 22.42 20.25
C VAL A 247 -13.28 21.09 20.49
N ARG A 248 -12.47 20.66 19.54
CA ARG A 248 -11.81 19.39 19.70
C ARG A 248 -11.12 19.53 21.03
N LYS A 249 -11.27 18.45 21.80
CA LYS A 249 -10.64 18.32 23.09
C LYS A 249 -9.35 17.44 23.00
N SER A 250 -9.40 16.37 22.20
CA SER A 250 -8.30 15.40 22.11
C SER A 250 -8.03 15.09 20.75
N ILE A 251 -6.77 14.83 20.47
CA ILE A 251 -6.30 14.45 19.11
C ILE A 251 -5.41 13.21 19.30
N GLY A 252 -5.77 12.13 18.63
CA GLY A 252 -5.09 10.89 18.82
C GLY A 252 -4.91 10.20 17.52
N ARG A 253 -4.09 9.16 17.53
CA ARG A 253 -4.02 8.29 16.38
C ARG A 253 -3.57 6.88 16.89
N ILE A 254 -4.35 5.82 16.58
CA ILE A 254 -4.09 4.49 17.09
C ILE A 254 -3.92 3.46 16.02
N VAL A 255 -2.81 2.76 16.13
CA VAL A 255 -2.50 1.78 15.14
C VAL A 255 -2.33 0.41 15.71
N THR A 256 -2.16 -0.52 14.76
CA THR A 256 -2.24 -1.98 14.91
C THR A 256 -1.05 -2.58 14.21
N MET A 257 -0.43 -3.52 14.92
CA MET A 257 0.92 -4.00 14.72
C MET A 257 0.81 -5.28 14.13
N LYS A 258 1.80 -5.60 13.31
CA LYS A 258 1.66 -6.76 12.48
C LYS A 258 1.55 -8.02 13.34
N ARG A 259 1.75 -7.84 14.64
CA ARG A 259 1.76 -8.90 15.62
C ARG A 259 1.43 -8.38 17.02
N ASN A 260 0.64 -9.14 17.78
CA ASN A 260 0.41 -8.91 19.20
C ASN A 260 1.84 -8.98 19.63
N SER A 261 2.23 -8.27 20.69
CA SER A 261 3.62 -8.22 21.13
C SER A 261 3.66 -7.75 22.56
N ARG A 262 4.76 -7.99 23.25
CA ARG A 262 5.01 -7.31 24.50
C ARG A 262 6.37 -6.57 24.57
N ASN A 263 7.12 -6.57 23.47
CA ASN A 263 8.47 -5.99 23.41
C ASN A 263 8.47 -4.56 22.97
N LEU A 264 9.32 -3.77 23.64
CA LEU A 264 9.37 -2.32 23.49
C LEU A 264 9.95 -1.85 22.21
N GLU A 265 10.92 -2.62 21.70
CA GLU A 265 11.58 -2.29 20.44
C GLU A 265 10.71 -2.87 19.41
N GLU A 266 9.62 -3.44 19.86
CA GLU A 266 8.77 -4.00 18.89
C GLU A 266 7.60 -3.07 18.88
N ILE A 267 7.28 -2.52 20.04
CA ILE A 267 6.18 -1.59 20.16
C ILE A 267 6.59 -0.18 19.76
N LYS A 268 7.85 0.21 19.92
CA LYS A 268 8.14 1.64 19.64
C LYS A 268 7.83 2.26 18.26
N PRO A 269 8.19 1.53 17.18
CA PRO A 269 7.94 2.10 15.85
C PRO A 269 6.48 2.39 15.59
N TYR A 270 5.60 1.41 15.83
CA TYR A 270 4.17 1.71 15.70
C TYR A 270 3.88 2.96 16.49
N LEU A 271 4.30 2.94 17.76
CA LEU A 271 4.02 4.00 18.77
C LEU A 271 4.52 5.26 18.15
N PHE A 272 5.84 5.38 18.09
CA PHE A 272 6.42 6.52 17.43
C PHE A 272 5.71 7.01 16.12
N ARG A 273 5.29 6.10 15.21
CA ARG A 273 4.41 6.50 14.06
C ARG A 273 3.13 7.25 14.63
N ALA A 274 2.30 6.62 15.50
CA ALA A 274 1.10 7.29 16.09
C ALA A 274 1.43 8.71 16.40
N ILE A 275 2.57 8.92 17.06
CA ILE A 275 2.95 10.34 17.40
C ILE A 275 3.14 11.39 16.27
N GLU A 276 3.90 10.97 15.27
CA GLU A 276 4.06 11.76 14.12
C GLU A 276 2.69 12.15 13.64
N GLU A 277 1.91 11.12 13.25
CA GLU A 277 0.55 11.26 12.71
C GLU A 277 -0.31 12.21 13.60
N SER A 278 -0.58 11.84 14.87
CA SER A 278 -1.20 12.73 15.89
C SER A 278 -0.59 14.12 15.85
N TYR A 279 0.74 14.26 15.90
CA TYR A 279 1.44 15.54 16.04
C TYR A 279 1.38 16.56 14.84
N TYR A 280 1.13 16.02 13.66
CA TYR A 280 0.86 16.76 12.43
C TYR A 280 -0.62 17.15 12.44
N LYS A 281 -1.48 16.40 13.09
CA LYS A 281 -2.91 16.74 13.14
C LYS A 281 -3.16 17.77 14.24
N LEU A 282 -2.15 17.92 15.05
CA LEU A 282 -2.26 18.97 16.01
C LEU A 282 -2.12 20.41 15.41
N ASP A 283 -1.07 20.66 14.60
CA ASP A 283 -0.71 21.98 14.03
C ASP A 283 -1.41 23.16 14.78
N LYS A 284 -0.62 23.97 15.46
CA LYS A 284 -1.11 25.14 16.19
C LYS A 284 -1.79 24.89 17.55
N ARG A 285 -1.55 23.73 18.17
CA ARG A 285 -2.18 23.50 19.47
C ARG A 285 -1.15 22.84 20.28
N ILE A 286 -1.09 23.25 21.55
CA ILE A 286 -0.16 22.68 22.49
C ILE A 286 -0.90 21.99 23.57
N PRO A 287 -0.78 20.62 23.57
CA PRO A 287 -1.29 19.59 24.45
C PRO A 287 -0.51 19.64 25.73
N LYS A 288 -1.30 19.79 26.82
CA LYS A 288 -0.78 19.84 28.18
C LYS A 288 -0.74 18.43 28.79
N ALA A 289 -1.28 17.40 28.08
CA ALA A 289 -1.39 16.04 28.54
C ALA A 289 -1.41 15.06 27.44
N ILE A 290 -0.84 13.88 27.74
CA ILE A 290 -0.73 12.75 26.77
C ILE A 290 -1.40 11.50 27.38
N HIS A 291 -1.42 10.42 26.63
CA HIS A 291 -2.02 9.23 27.08
C HIS A 291 -1.55 8.22 26.11
N VAL A 292 -1.01 7.10 26.53
CA VAL A 292 -0.84 6.02 25.57
C VAL A 292 -1.97 5.02 25.89
N VAL A 293 -2.54 4.46 24.86
CA VAL A 293 -3.72 3.61 24.93
C VAL A 293 -3.46 2.33 24.23
N ALA A 294 -3.14 1.25 24.91
CA ALA A 294 -2.93 -0.02 24.27
C ALA A 294 -4.20 -0.74 24.47
N VAL A 295 -4.48 -1.61 23.50
CA VAL A 295 -5.66 -2.49 23.46
C VAL A 295 -5.30 -3.94 23.64
N THR A 296 -5.52 -4.45 24.84
CA THR A 296 -5.12 -5.76 25.21
C THR A 296 -5.13 -6.73 24.06
N GLU A 297 -4.32 -7.74 24.23
CA GLU A 297 -4.39 -8.88 23.37
C GLU A 297 -5.90 -9.28 23.38
N ASP A 298 -6.32 -9.76 24.52
CA ASP A 298 -7.68 -10.20 24.65
C ASP A 298 -8.76 -9.10 24.36
N LEU A 299 -8.38 -8.10 23.56
CA LEU A 299 -9.28 -7.10 22.97
C LEU A 299 -9.92 -6.01 23.86
N ASP A 300 -9.30 -5.72 25.01
CA ASP A 300 -9.73 -4.67 25.99
C ASP A 300 -8.79 -3.48 25.93
N ILE A 301 -9.30 -2.28 26.24
CA ILE A 301 -8.42 -1.10 26.26
C ILE A 301 -7.62 -0.82 27.57
N VAL A 302 -6.35 -0.43 27.48
CA VAL A 302 -5.65 -0.07 28.71
C VAL A 302 -4.70 1.10 28.52
N SER A 303 -5.15 2.33 28.79
CA SER A 303 -4.30 3.46 28.51
C SER A 303 -3.68 4.07 29.71
N ARG A 304 -3.03 5.19 29.56
CA ARG A 304 -2.23 5.55 30.68
C ARG A 304 -1.77 6.93 30.41
N GLY A 305 -2.45 7.89 31.05
CA GLY A 305 -2.25 9.26 30.65
C GLY A 305 -1.25 9.95 31.51
N ARG A 306 -0.97 11.23 31.21
CA ARG A 306 -0.11 12.05 32.04
C ARG A 306 -0.22 13.50 31.63
N THR A 307 -0.42 14.41 32.61
CA THR A 307 -0.61 15.88 32.42
C THR A 307 0.64 16.59 32.91
N PHE A 308 0.89 17.78 32.36
CA PHE A 308 2.00 18.58 32.77
C PHE A 308 1.63 20.07 32.81
N PRO A 309 2.38 20.84 33.63
CA PRO A 309 2.18 22.26 33.86
C PRO A 309 2.58 23.19 32.71
N HIS A 310 2.51 22.67 31.47
CA HIS A 310 2.96 23.36 30.21
C HIS A 310 2.53 22.54 28.96
N GLY A 311 3.05 22.85 27.77
CA GLY A 311 2.71 22.11 26.57
C GLY A 311 3.86 21.15 26.34
N ILE A 312 3.55 20.11 25.53
CA ILE A 312 4.49 18.96 25.25
C ILE A 312 5.26 19.01 23.94
N SER A 313 6.56 19.10 24.02
CA SER A 313 7.20 19.17 22.76
C SER A 313 7.32 17.73 22.19
N LYS A 314 7.26 17.54 20.88
CA LYS A 314 7.40 16.21 20.29
C LYS A 314 8.48 15.38 20.98
N GLU A 315 9.46 16.06 21.54
CA GLU A 315 10.53 15.35 22.18
C GLU A 315 10.05 14.80 23.41
N THR A 316 9.37 15.67 24.20
CA THR A 316 8.69 15.23 25.42
C THR A 316 7.71 14.11 25.02
N ALA A 317 6.75 14.41 24.16
CA ALA A 317 5.87 13.37 23.53
C ALA A 317 6.59 12.10 23.23
N TYR A 318 7.69 12.18 22.51
CA TYR A 318 8.49 10.98 22.24
C TYR A 318 8.91 10.34 23.60
N SER A 319 9.70 11.05 24.40
CA SER A 319 10.09 10.65 25.81
C SER A 319 9.10 10.00 26.91
N GLU A 320 8.09 10.76 27.29
CA GLU A 320 7.12 10.31 28.24
C GLU A 320 6.47 9.20 27.63
N SER A 321 6.50 9.09 26.29
CA SER A 321 5.68 8.00 25.73
C SER A 321 6.14 6.62 26.01
N VAL A 322 7.45 6.44 25.95
CA VAL A 322 7.94 5.13 26.32
C VAL A 322 7.55 4.92 27.78
N LYS A 323 7.79 5.92 28.63
CA LYS A 323 7.42 5.92 30.06
C LYS A 323 5.96 5.48 30.22
N LEU A 324 4.99 6.23 29.73
CA LEU A 324 3.66 5.65 29.84
C LEU A 324 3.68 4.18 29.41
N LEU A 325 4.34 3.80 28.33
CA LEU A 325 4.24 2.44 27.78
C LEU A 325 4.76 1.21 28.61
N GLN A 326 5.97 1.35 29.14
CA GLN A 326 6.47 0.37 30.10
C GLN A 326 5.43 0.24 31.21
N LYS A 327 5.02 1.37 31.79
CA LYS A 327 4.17 1.39 33.00
C LYS A 327 3.00 0.54 32.76
N ILE A 328 2.61 0.49 31.50
CA ILE A 328 1.47 -0.27 31.14
C ILE A 328 1.89 -1.74 31.08
N LEU A 329 3.18 -2.03 30.74
CA LEU A 329 3.74 -3.42 30.62
C LEU A 329 4.07 -3.95 31.96
N GLU A 330 3.37 -3.42 32.95
CA GLU A 330 3.81 -3.63 34.31
C GLU A 330 2.53 -4.13 34.88
N GLU A 331 1.69 -3.19 35.22
CA GLU A 331 0.40 -3.43 35.74
C GLU A 331 -0.34 -4.26 34.73
N ASP A 332 0.36 -4.72 33.69
CA ASP A 332 -0.25 -5.72 32.83
C ASP A 332 0.75 -6.66 32.12
N GLU A 333 0.24 -7.74 31.56
CA GLU A 333 1.09 -8.76 30.99
C GLU A 333 0.42 -9.80 30.02
N ARG A 334 -0.74 -9.43 29.41
CA ARG A 334 -1.31 -10.17 28.22
C ARG A 334 -0.34 -9.96 27.00
N LYS A 335 -0.82 -9.27 25.97
CA LYS A 335 -0.02 -8.97 24.79
C LYS A 335 -0.76 -7.88 24.04
N ILE A 336 -0.06 -6.76 23.76
CA ILE A 336 -0.71 -5.52 23.21
C ILE A 336 -0.82 -5.67 21.74
N ARG A 337 -2.05 -5.53 21.23
CA ARG A 337 -2.25 -5.70 19.78
C ARG A 337 -2.14 -4.33 19.16
N ARG A 338 -3.26 -3.56 19.06
CA ARG A 338 -3.25 -2.04 18.73
C ARG A 338 -2.59 -1.06 19.82
N ILE A 339 -1.77 -0.05 19.44
CA ILE A 339 -1.08 0.83 20.42
C ILE A 339 -1.11 2.25 19.83
N GLY A 340 -1.31 3.31 20.61
CA GLY A 340 -1.61 4.61 19.98
C GLY A 340 -1.41 5.83 20.87
N VAL A 341 -1.90 7.03 20.51
CA VAL A 341 -1.85 8.16 21.42
C VAL A 341 -2.85 9.32 21.24
N ARG A 342 -3.33 9.88 22.36
CA ARG A 342 -4.17 11.08 22.46
C ARG A 342 -3.32 12.07 23.18
N PHE A 343 -3.83 13.28 23.03
CA PHE A 343 -3.18 14.53 23.29
C PHE A 343 -4.39 15.40 23.68
N SER A 344 -4.25 16.03 24.86
CA SER A 344 -5.35 16.77 25.52
C SER A 344 -4.84 17.98 26.30
N LYS A 345 -5.77 18.76 26.81
CA LYS A 345 -5.42 20.00 27.47
C LYS A 345 -4.43 20.96 26.83
N PHE A 346 -4.79 21.28 25.59
CA PHE A 346 -4.24 22.21 24.68
C PHE A 346 -4.30 23.55 25.26
N ILE A 347 -3.17 24.23 25.12
CA ILE A 347 -3.16 25.69 25.25
C ILE A 347 -3.97 26.43 24.06
N GLU A 348 -4.18 25.89 22.93
N HIS B 6 40.07 -31.07 -22.28
CA HIS B 6 39.09 -30.03 -22.80
C HIS B 6 38.43 -29.35 -21.60
N MET B 7 38.38 -28.02 -21.54
CA MET B 7 37.65 -27.39 -20.44
C MET B 7 36.16 -27.53 -20.47
N ILE B 8 35.57 -28.04 -19.37
CA ILE B 8 34.09 -28.20 -19.18
C ILE B 8 33.42 -27.22 -18.26
N VAL B 9 32.30 -26.69 -18.71
CA VAL B 9 31.57 -25.75 -17.89
C VAL B 9 30.08 -25.98 -17.68
N LEU B 10 29.66 -25.94 -16.40
CA LEU B 10 28.26 -26.22 -16.04
C LEU B 10 27.57 -24.93 -15.54
N PHE B 11 26.31 -24.81 -15.97
CA PHE B 11 25.50 -23.66 -15.79
C PHE B 11 24.16 -24.21 -15.39
N VAL B 12 23.54 -23.50 -14.44
CA VAL B 12 22.29 -23.71 -13.71
C VAL B 12 21.36 -22.45 -13.72
N ASP B 13 20.10 -22.57 -14.08
CA ASP B 13 19.26 -21.39 -14.06
C ASP B 13 17.95 -21.85 -13.37
N PHE B 14 17.68 -21.32 -12.19
CA PHE B 14 16.47 -21.63 -11.40
C PHE B 14 15.29 -21.43 -12.37
N ASP B 15 14.29 -22.31 -12.45
CA ASP B 15 13.31 -22.10 -13.48
C ASP B 15 12.43 -21.05 -12.83
N TYR B 16 11.85 -20.13 -13.63
CA TYR B 16 10.87 -19.13 -13.20
C TYR B 16 10.96 -18.74 -11.70
N PHE B 17 12.19 -18.43 -11.33
CA PHE B 17 12.57 -18.02 -10.02
C PHE B 17 11.53 -17.26 -9.18
N TYR B 18 11.21 -16.05 -9.57
CA TYR B 18 10.33 -15.19 -8.73
C TYR B 18 9.09 -15.98 -8.36
N ALA B 19 8.34 -16.41 -9.41
CA ALA B 19 7.16 -17.25 -9.29
C ALA B 19 7.45 -18.61 -8.58
N GLN B 20 8.47 -19.38 -8.93
CA GLN B 20 8.68 -20.61 -8.18
C GLN B 20 9.00 -20.22 -6.76
N VAL B 21 9.90 -19.23 -6.50
CA VAL B 21 10.04 -18.84 -5.12
C VAL B 21 8.69 -18.51 -4.52
N GLU B 22 7.77 -18.08 -5.29
CA GLU B 22 6.58 -17.62 -4.59
C GLU B 22 5.80 -18.84 -4.09
N GLU B 23 6.07 -20.00 -4.66
CA GLU B 23 5.24 -21.13 -4.33
C GLU B 23 5.91 -21.74 -3.11
N VAL B 24 7.25 -21.71 -3.13
CA VAL B 24 7.98 -22.31 -2.00
C VAL B 24 7.50 -21.64 -0.74
N LEU B 25 6.94 -20.45 -0.84
CA LEU B 25 6.45 -19.78 0.35
C LEU B 25 4.92 -19.90 0.46
N ASN B 26 4.30 -20.58 -0.51
CA ASN B 26 2.81 -20.75 -0.48
C ASN B 26 2.50 -21.75 -1.50
N PRO B 27 2.76 -22.97 -1.21
CA PRO B 27 2.42 -23.74 -2.39
C PRO B 27 0.95 -24.14 -2.46
N SER B 28 0.08 -23.32 -1.87
CA SER B 28 -1.38 -23.32 -2.15
C SER B 28 -1.58 -22.73 -3.62
N LEU B 29 -0.66 -23.04 -4.52
CA LEU B 29 -0.52 -22.20 -5.70
C LEU B 29 0.05 -22.95 -6.83
N LYS B 30 0.95 -23.85 -6.46
CA LYS B 30 1.72 -24.55 -7.44
C LYS B 30 0.64 -25.29 -8.09
N GLY B 31 0.74 -25.46 -9.40
CA GLY B 31 -0.28 -26.21 -10.16
C GLY B 31 -1.15 -25.23 -10.92
N LYS B 32 -0.96 -23.97 -10.53
CA LYS B 32 -1.83 -22.84 -10.88
C LYS B 32 -0.93 -21.81 -11.55
N PRO B 33 -1.51 -20.86 -12.27
CA PRO B 33 -0.80 -19.81 -12.98
C PRO B 33 -0.31 -18.83 -11.96
N VAL B 34 0.95 -18.53 -11.87
CA VAL B 34 1.23 -17.52 -10.90
C VAL B 34 2.03 -16.53 -11.75
N VAL B 35 1.55 -15.30 -11.71
CA VAL B 35 2.23 -14.13 -12.32
C VAL B 35 2.82 -13.27 -11.24
N VAL B 36 4.12 -13.04 -11.26
CA VAL B 36 4.60 -12.13 -10.23
C VAL B 36 4.70 -10.77 -10.92
N CYS B 37 4.29 -9.66 -10.34
CA CYS B 37 4.25 -8.47 -11.18
C CYS B 37 4.68 -7.13 -10.52
N VAL B 38 5.00 -6.11 -11.32
CA VAL B 38 5.63 -4.84 -10.84
C VAL B 38 4.77 -3.63 -11.17
N PHE B 39 3.95 -3.23 -10.18
CA PHE B 39 2.89 -2.21 -10.37
C PHE B 39 3.50 -0.80 -10.51
N SER B 40 2.66 0.19 -10.77
CA SER B 40 3.05 1.58 -10.93
C SER B 40 2.22 2.39 -9.85
N GLY B 41 1.40 1.64 -9.07
CA GLY B 41 0.54 2.15 -7.99
C GLY B 41 -0.35 3.34 -8.34
N ARG B 42 -0.11 3.99 -9.48
CA ARG B 42 -0.97 5.07 -9.92
C ARG B 42 -2.47 4.66 -10.03
N PHE B 43 -2.79 3.52 -10.64
CA PHE B 43 -4.24 3.31 -10.77
C PHE B 43 -4.81 1.90 -10.40
N GLU B 44 -5.99 1.46 -10.89
CA GLU B 44 -6.26 0.03 -10.73
C GLU B 44 -5.50 -0.65 -11.86
N ASP B 45 -4.53 -1.47 -11.46
CA ASP B 45 -3.92 -2.43 -12.38
C ASP B 45 -2.95 -1.78 -13.33
N SER B 46 -1.94 -1.23 -12.67
CA SER B 46 -0.94 -0.44 -13.33
C SER B 46 0.40 -1.02 -13.06
N GLY B 47 1.18 -1.29 -14.12
CA GLY B 47 2.61 -1.70 -14.12
C GLY B 47 2.83 -2.75 -15.21
N ALA B 48 3.92 -3.55 -15.14
CA ALA B 48 4.23 -4.78 -15.97
C ALA B 48 4.48 -6.17 -15.23
N VAL B 49 5.13 -7.16 -15.85
CA VAL B 49 5.20 -8.52 -15.30
C VAL B 49 6.63 -8.91 -15.11
N ALA B 50 7.29 -8.57 -14.00
CA ALA B 50 8.59 -9.24 -13.64
C ALA B 50 8.69 -10.71 -14.11
N THR B 51 7.76 -11.59 -13.70
CA THR B 51 7.74 -13.00 -14.19
C THR B 51 6.45 -13.87 -14.10
N ALA B 52 6.37 -14.87 -14.98
CA ALA B 52 5.25 -15.78 -14.99
C ALA B 52 5.65 -17.24 -14.72
N ASN B 53 4.85 -17.89 -13.88
CA ASN B 53 5.03 -19.32 -13.73
C ASN B 53 4.61 -19.94 -15.14
N TYR B 54 4.96 -21.21 -15.26
CA TYR B 54 4.76 -21.95 -16.45
C TYR B 54 3.30 -22.24 -16.79
N GLU B 55 2.44 -22.60 -15.83
CA GLU B 55 1.06 -22.68 -16.18
C GLU B 55 0.59 -21.24 -16.50
N ALA B 56 1.48 -20.21 -16.49
CA ALA B 56 1.04 -18.82 -16.84
C ALA B 56 1.60 -18.61 -18.19
N ARG B 57 2.70 -19.31 -18.45
CA ARG B 57 3.43 -19.05 -19.67
C ARG B 57 2.63 -19.47 -20.90
N LYS B 58 2.11 -20.69 -20.88
CA LYS B 58 1.44 -21.17 -22.08
C LYS B 58 0.19 -20.51 -22.43
N PHE B 59 0.05 -19.27 -22.06
CA PHE B 59 -1.16 -18.62 -22.40
C PHE B 59 -0.80 -17.23 -22.86
N GLY B 60 0.49 -16.95 -22.65
CA GLY B 60 1.11 -15.82 -23.30
C GLY B 60 1.25 -14.74 -22.33
N VAL B 61 1.35 -15.16 -21.10
CA VAL B 61 1.38 -14.14 -20.14
C VAL B 61 2.85 -14.23 -19.77
N LYS B 62 3.72 -13.63 -20.58
CA LYS B 62 5.20 -13.70 -20.43
C LYS B 62 5.78 -12.43 -19.78
N ALA B 63 6.86 -12.57 -18.97
CA ALA B 63 7.45 -11.46 -18.22
C ALA B 63 7.51 -10.31 -19.15
N GLY B 64 7.16 -9.07 -18.75
CA GLY B 64 7.22 -7.84 -19.62
C GLY B 64 5.94 -7.38 -20.37
N ILE B 65 4.75 -7.52 -19.79
CA ILE B 65 3.48 -7.23 -20.55
C ILE B 65 2.43 -6.56 -19.65
N PRO B 66 1.84 -5.44 -20.08
CA PRO B 66 0.96 -4.78 -19.12
C PRO B 66 0.02 -5.66 -18.42
N ILE B 67 -0.28 -5.32 -17.15
CA ILE B 67 -1.06 -6.20 -16.27
C ILE B 67 -2.53 -6.30 -16.68
N VAL B 68 -2.96 -5.39 -17.56
CA VAL B 68 -4.35 -5.41 -18.00
C VAL B 68 -4.56 -6.59 -18.91
N GLU B 69 -3.62 -6.77 -19.84
CA GLU B 69 -3.68 -7.88 -20.76
C GLU B 69 -3.49 -9.23 -20.00
N ALA B 70 -2.53 -9.26 -19.06
CA ALA B 70 -2.46 -10.48 -18.32
C ALA B 70 -3.73 -10.64 -17.50
N LYS B 71 -4.15 -9.65 -16.75
CA LYS B 71 -5.39 -9.89 -16.03
C LYS B 71 -6.51 -10.08 -17.08
N LYS B 72 -6.22 -9.86 -18.35
CA LYS B 72 -7.29 -9.94 -19.30
C LYS B 72 -7.05 -10.94 -20.44
N ILE B 73 -6.45 -12.00 -19.95
CA ILE B 73 -6.09 -13.14 -20.67
C ILE B 73 -6.37 -14.20 -19.60
N LEU B 74 -5.57 -14.18 -18.53
CA LEU B 74 -5.70 -15.02 -17.29
C LEU B 74 -6.31 -14.13 -16.20
N PRO B 75 -7.54 -13.66 -16.37
CA PRO B 75 -8.12 -12.71 -15.40
C PRO B 75 -8.30 -13.19 -14.05
N ASN B 76 -7.96 -14.44 -13.83
CA ASN B 76 -8.07 -15.04 -12.55
C ASN B 76 -6.68 -15.69 -12.19
N ALA B 77 -5.53 -15.09 -12.52
CA ALA B 77 -4.38 -15.92 -12.13
C ALA B 77 -3.93 -15.39 -10.77
N VAL B 78 -3.15 -16.10 -9.95
CA VAL B 78 -2.79 -15.36 -8.74
C VAL B 78 -1.85 -14.36 -9.24
N TYR B 79 -2.03 -13.06 -8.94
CA TYR B 79 -0.97 -11.99 -9.16
C TYR B 79 -0.27 -11.47 -7.85
N LEU B 80 1.01 -11.14 -7.82
CA LEU B 80 1.57 -11.00 -6.45
C LEU B 80 2.59 -9.94 -6.55
N PRO B 81 2.70 -9.08 -5.51
CA PRO B 81 3.63 -7.94 -5.73
C PRO B 81 4.97 -8.49 -5.77
N MET B 82 5.91 -7.81 -6.35
CA MET B 82 7.15 -8.46 -6.33
C MET B 82 7.89 -8.27 -4.97
N ARG B 83 8.53 -9.34 -4.52
CA ARG B 83 9.19 -9.41 -3.21
C ARG B 83 10.64 -9.91 -3.39
N LYS B 84 11.43 -9.10 -4.08
CA LYS B 84 12.78 -9.48 -4.52
C LYS B 84 13.79 -9.90 -3.42
N GLU B 85 13.67 -9.33 -2.22
CA GLU B 85 14.57 -9.55 -1.08
C GLU B 85 14.53 -10.99 -0.64
N VAL B 86 13.31 -11.54 -0.78
CA VAL B 86 13.06 -12.91 -0.47
C VAL B 86 13.84 -13.80 -1.45
N TYR B 87 13.69 -13.45 -2.75
CA TYR B 87 14.30 -14.13 -3.97
C TYR B 87 15.76 -13.93 -3.79
N GLN B 88 16.20 -12.68 -3.63
CA GLN B 88 17.56 -12.49 -3.17
C GLN B 88 17.91 -13.28 -1.91
N GLN B 89 16.98 -13.36 -0.99
CA GLN B 89 17.33 -13.97 0.23
C GLN B 89 17.47 -15.47 -0.03
N VAL B 90 16.55 -15.99 -0.86
CA VAL B 90 16.62 -17.35 -1.06
C VAL B 90 17.84 -17.46 -1.93
N SER B 91 17.93 -16.64 -2.98
CA SER B 91 18.97 -16.73 -4.03
C SER B 91 20.25 -17.13 -3.47
N SER B 92 20.69 -16.24 -2.55
CA SER B 92 21.99 -16.42 -1.93
C SER B 92 22.09 -17.69 -1.13
N ARG B 93 21.01 -18.22 -0.55
CA ARG B 93 21.24 -19.56 0.04
C ARG B 93 21.64 -20.62 -0.94
N ILE B 94 21.23 -20.50 -2.18
CA ILE B 94 21.43 -21.59 -3.16
C ILE B 94 22.71 -21.48 -3.90
N MET B 95 23.13 -20.23 -4.00
CA MET B 95 24.38 -19.85 -4.57
C MET B 95 25.46 -20.27 -3.70
N ASN B 96 25.39 -20.02 -2.40
CA ASN B 96 26.40 -20.65 -1.58
C ASN B 96 26.18 -22.20 -1.63
N LEU B 97 25.08 -22.70 -2.17
CA LEU B 97 25.06 -24.18 -2.21
C LEU B 97 25.71 -24.81 -3.49
N LEU B 98 26.09 -23.95 -4.44
CA LEU B 98 26.75 -24.40 -5.63
C LEU B 98 28.24 -24.42 -5.28
N ARG B 99 28.61 -23.54 -4.35
CA ARG B 99 30.03 -23.33 -4.06
C ARG B 99 30.77 -24.55 -3.43
N GLU B 100 29.95 -25.45 -2.91
CA GLU B 100 30.40 -26.72 -2.41
C GLU B 100 30.60 -27.60 -3.61
N TYR B 101 30.72 -27.00 -4.80
CA TYR B 101 30.95 -27.77 -6.05
C TYR B 101 32.08 -27.17 -6.78
N SER B 102 32.11 -25.85 -6.79
CA SER B 102 33.32 -25.18 -7.21
C SER B 102 33.60 -23.86 -6.62
N GLU B 103 34.89 -23.55 -6.53
CA GLU B 103 35.30 -22.18 -6.20
C GLU B 103 35.16 -21.41 -7.52
N LYS B 104 35.62 -22.02 -8.59
CA LYS B 104 35.37 -21.42 -9.88
C LYS B 104 33.84 -21.47 -10.23
N ILE B 105 33.16 -20.50 -9.62
CA ILE B 105 31.75 -20.19 -9.73
C ILE B 105 31.66 -18.67 -9.98
N GLU B 106 30.78 -18.27 -10.91
CA GLU B 106 30.51 -16.91 -11.34
C GLU B 106 29.02 -16.83 -11.37
N ILE B 107 28.51 -15.96 -10.51
CA ILE B 107 27.08 -15.69 -10.32
C ILE B 107 26.61 -14.51 -11.21
N ALA B 108 25.79 -14.78 -12.24
CA ALA B 108 25.52 -13.79 -13.33
C ALA B 108 24.38 -12.97 -13.03
N SER B 109 23.38 -13.54 -12.41
CA SER B 109 22.20 -12.73 -12.07
C SER B 109 21.60 -13.37 -10.88
N ILE B 110 20.72 -12.66 -10.23
CA ILE B 110 19.93 -13.34 -9.19
C ILE B 110 19.43 -14.79 -9.44
N ASP B 111 19.11 -15.18 -10.67
CA ASP B 111 18.77 -16.58 -10.85
C ASP B 111 19.61 -17.35 -11.86
N GLU B 112 20.93 -17.11 -11.86
CA GLU B 112 21.99 -17.69 -12.76
C GLU B 112 23.41 -17.60 -12.18
N ALA B 113 24.17 -18.68 -12.44
CA ALA B 113 25.54 -18.90 -12.02
C ALA B 113 26.19 -19.82 -13.06
N TYR B 114 27.54 -19.89 -13.10
CA TYR B 114 28.32 -20.81 -14.00
C TYR B 114 29.31 -21.42 -13.10
N LEU B 115 29.74 -22.62 -13.44
CA LEU B 115 30.52 -23.44 -12.58
C LEU B 115 31.51 -24.25 -13.44
N ASP B 116 32.79 -23.96 -13.20
CA ASP B 116 33.86 -24.58 -13.93
C ASP B 116 34.14 -25.86 -13.22
N ILE B 117 33.42 -26.91 -13.59
CA ILE B 117 33.70 -28.19 -12.97
C ILE B 117 34.73 -28.98 -13.73
N SER B 118 35.81 -28.29 -14.08
CA SER B 118 36.90 -28.93 -14.82
C SER B 118 37.53 -29.89 -13.82
N ASP B 119 38.25 -29.31 -12.85
CA ASP B 119 38.85 -29.95 -11.65
C ASP B 119 38.01 -30.98 -10.92
N LYS B 120 36.77 -30.60 -10.59
CA LYS B 120 35.72 -31.53 -10.09
C LYS B 120 35.18 -32.45 -11.19
N VAL B 121 35.69 -33.67 -11.25
CA VAL B 121 35.04 -34.63 -12.12
C VAL B 121 35.34 -34.16 -13.51
N ARG B 122 36.31 -34.79 -14.20
CA ARG B 122 36.57 -34.46 -15.64
C ARG B 122 36.19 -35.51 -16.75
N ASP B 123 34.99 -35.36 -17.31
CA ASP B 123 34.34 -36.28 -18.28
C ASP B 123 32.92 -35.73 -18.39
N TYR B 124 32.23 -35.90 -19.53
CA TYR B 124 30.86 -35.35 -19.71
C TYR B 124 29.86 -36.18 -18.96
N ARG B 125 30.08 -37.50 -18.98
CA ARG B 125 29.33 -38.50 -18.23
C ARG B 125 29.39 -38.09 -16.73
N GLU B 126 30.57 -38.20 -16.10
CA GLU B 126 30.80 -37.75 -14.73
C GLU B 126 30.10 -36.44 -14.54
N ALA B 127 30.17 -35.56 -15.52
CA ALA B 127 29.59 -34.18 -15.42
C ALA B 127 28.06 -34.11 -15.44
N TYR B 128 27.41 -34.82 -16.37
CA TYR B 128 25.97 -35.03 -16.32
C TYR B 128 25.49 -35.41 -14.92
N ASN B 129 26.18 -36.41 -14.43
CA ASN B 129 25.84 -36.95 -13.19
C ASN B 129 25.79 -35.96 -12.11
N LEU B 130 26.85 -35.15 -12.07
CA LEU B 130 27.08 -34.01 -11.11
C LEU B 130 25.97 -32.93 -11.23
N GLY B 131 25.41 -32.93 -12.43
CA GLY B 131 24.35 -32.05 -12.71
C GLY B 131 23.33 -32.70 -11.84
N LEU B 132 22.98 -33.92 -12.16
CA LEU B 132 21.87 -34.47 -11.38
C LEU B 132 22.07 -34.36 -9.84
N GLU B 133 23.34 -34.35 -9.41
CA GLU B 133 23.70 -34.21 -7.99
C GLU B 133 23.32 -32.84 -7.60
N ILE B 134 23.74 -31.83 -8.34
CA ILE B 134 23.26 -30.44 -8.01
C ILE B 134 21.78 -30.19 -8.24
N LYS B 135 21.31 -30.60 -9.42
CA LYS B 135 19.91 -30.53 -9.81
C LYS B 135 19.11 -31.01 -8.65
N ASN B 136 19.72 -31.93 -7.92
CA ASN B 136 19.07 -32.75 -6.88
C ASN B 136 18.86 -32.29 -5.37
N LYS B 137 20.04 -32.03 -4.80
CA LYS B 137 20.37 -31.32 -3.56
C LYS B 137 19.59 -30.01 -3.47
N ILE B 138 19.63 -29.26 -4.54
CA ILE B 138 18.91 -28.07 -4.45
C ILE B 138 17.44 -28.27 -4.19
N LEU B 139 16.89 -29.29 -4.85
CA LEU B 139 15.47 -29.58 -4.77
C LEU B 139 14.93 -29.70 -3.37
N GLU B 140 15.35 -30.80 -2.78
CA GLU B 140 15.06 -31.25 -1.44
C GLU B 140 15.15 -30.12 -0.53
N LYS B 141 16.40 -29.85 -0.25
CA LYS B 141 16.94 -28.85 0.58
C LYS B 141 16.37 -27.53 0.37
N GLU B 142 15.58 -27.31 -0.67
CA GLU B 142 14.99 -25.99 -1.03
C GLU B 142 13.76 -26.09 -1.87
N LYS B 143 13.32 -27.27 -2.21
CA LYS B 143 12.08 -27.27 -2.90
C LYS B 143 12.18 -26.43 -4.15
N ILE B 144 13.08 -26.73 -5.09
CA ILE B 144 13.22 -25.91 -6.31
C ILE B 144 14.01 -26.56 -7.45
N THR B 145 13.41 -26.37 -8.63
CA THR B 145 13.79 -27.02 -9.89
C THR B 145 14.47 -25.88 -10.59
N VAL B 146 15.56 -26.28 -11.25
CA VAL B 146 16.45 -25.45 -11.94
C VAL B 146 16.88 -26.36 -13.02
N THR B 147 17.54 -25.79 -14.04
CA THR B 147 18.10 -26.51 -15.20
C THR B 147 19.57 -26.37 -15.34
N VAL B 148 20.24 -27.50 -15.38
CA VAL B 148 21.67 -27.46 -15.57
C VAL B 148 21.71 -27.56 -17.08
N GLY B 149 22.88 -27.23 -17.61
CA GLY B 149 23.15 -27.10 -19.03
C GLY B 149 24.66 -27.13 -18.89
N ILE B 150 25.38 -27.84 -19.78
CA ILE B 150 26.86 -28.10 -19.73
C ILE B 150 27.46 -28.24 -21.13
N SER B 151 28.70 -27.76 -21.31
CA SER B 151 29.45 -27.75 -22.57
C SER B 151 30.79 -27.19 -22.30
N LYS B 152 31.36 -26.50 -23.31
CA LYS B 152 32.79 -26.10 -23.23
C LYS B 152 33.17 -24.69 -22.86
N ASN B 153 32.13 -23.87 -22.75
CA ASN B 153 32.26 -22.46 -22.46
C ASN B 153 30.96 -21.88 -21.92
N LYS B 154 31.03 -20.58 -21.63
CA LYS B 154 29.95 -19.98 -20.88
C LYS B 154 28.62 -19.91 -21.66
N VAL B 155 28.77 -19.81 -22.99
CA VAL B 155 27.62 -19.69 -23.93
C VAL B 155 26.90 -20.97 -24.17
N PHE B 156 27.63 -22.05 -24.44
CA PHE B 156 26.96 -23.28 -24.75
C PHE B 156 26.38 -23.90 -23.64
N ALA B 157 27.08 -23.79 -22.52
CA ALA B 157 26.54 -24.20 -21.24
C ALA B 157 25.18 -23.41 -21.29
N LYS B 158 25.21 -22.07 -21.49
CA LYS B 158 23.92 -21.40 -21.34
C LYS B 158 22.95 -21.97 -22.37
N ILE B 159 23.39 -22.07 -23.63
CA ILE B 159 22.43 -22.47 -24.73
C ILE B 159 21.88 -23.79 -24.28
N ALA B 160 22.78 -24.77 -24.08
CA ALA B 160 22.44 -26.09 -23.48
C ALA B 160 21.21 -26.03 -22.56
N ALA B 161 21.33 -25.37 -21.41
CA ALA B 161 20.17 -24.98 -20.51
C ALA B 161 18.99 -24.44 -21.36
N ASP B 162 19.16 -23.29 -22.01
CA ASP B 162 18.05 -22.83 -22.84
C ASP B 162 17.29 -23.96 -23.47
N MET B 163 18.02 -24.92 -23.99
CA MET B 163 17.20 -25.78 -24.75
C MET B 163 16.42 -26.86 -23.96
N ALA B 164 16.83 -27.11 -22.70
CA ALA B 164 16.15 -28.06 -21.79
C ALA B 164 15.03 -27.52 -20.76
N LYS B 165 15.12 -26.22 -20.38
CA LYS B 165 14.14 -25.70 -19.40
C LYS B 165 12.70 -25.89 -19.78
N PRO B 166 11.82 -26.01 -18.77
CA PRO B 166 12.13 -25.98 -17.34
C PRO B 166 12.35 -27.41 -16.85
N ASN B 167 13.25 -27.57 -15.88
CA ASN B 167 13.50 -28.83 -15.18
C ASN B 167 14.28 -29.83 -15.92
N GLY B 168 15.20 -29.42 -16.78
CA GLY B 168 16.06 -30.47 -17.30
C GLY B 168 17.56 -30.41 -17.04
N ILE B 169 18.25 -31.13 -17.91
CA ILE B 169 19.66 -31.34 -17.87
C ILE B 169 19.87 -31.76 -19.28
N LYS B 170 20.86 -31.10 -19.87
CA LYS B 170 21.27 -31.31 -21.26
C LYS B 170 22.76 -31.02 -21.37
N VAL B 171 23.47 -31.73 -22.26
CA VAL B 171 24.92 -31.55 -22.51
C VAL B 171 25.29 -31.44 -23.98
N ILE B 172 26.09 -30.43 -24.28
CA ILE B 172 26.49 -30.11 -25.62
C ILE B 172 27.88 -30.64 -25.96
N ASP B 173 28.01 -31.94 -26.14
CA ASP B 173 29.33 -32.50 -26.37
C ASP B 173 30.07 -31.73 -27.50
N ASP B 174 31.35 -32.00 -27.70
CA ASP B 174 32.05 -31.23 -28.77
C ASP B 174 31.38 -31.32 -30.20
N GLU B 175 30.87 -32.53 -30.50
CA GLU B 175 30.18 -32.99 -31.76
C GLU B 175 28.79 -32.28 -31.99
N GLU B 176 27.88 -32.43 -31.01
CA GLU B 176 26.61 -31.67 -30.88
C GLU B 176 26.72 -30.14 -31.00
N VAL B 177 27.94 -29.65 -30.87
CA VAL B 177 28.21 -28.22 -30.84
C VAL B 177 28.34 -27.73 -32.25
N LYS B 178 29.36 -28.23 -32.94
CA LYS B 178 29.62 -27.73 -34.29
C LYS B 178 28.32 -27.59 -35.09
N ARG B 179 27.47 -28.61 -34.98
CA ARG B 179 26.24 -28.66 -35.73
C ARG B 179 25.48 -27.32 -35.56
N LEU B 180 25.71 -26.62 -34.43
CA LEU B 180 24.99 -25.38 -34.14
C LEU B 180 25.70 -24.16 -34.66
N ILE B 181 27.03 -24.29 -34.76
CA ILE B 181 27.77 -23.19 -35.36
C ILE B 181 26.99 -23.00 -36.70
N ARG B 182 26.72 -24.06 -37.47
CA ARG B 182 25.90 -23.90 -38.66
C ARG B 182 24.40 -23.77 -38.37
N GLU B 183 23.77 -24.76 -37.70
CA GLU B 183 22.26 -24.86 -37.52
C GLU B 183 21.64 -23.93 -36.53
N LEU B 184 22.39 -23.68 -35.45
CA LEU B 184 21.83 -22.82 -34.42
C LEU B 184 21.25 -21.58 -35.08
N ASP B 185 20.00 -21.21 -34.78
CA ASP B 185 19.63 -19.89 -35.17
C ASP B 185 20.59 -18.80 -34.58
N ILE B 186 20.07 -17.74 -33.98
CA ILE B 186 21.01 -16.68 -33.76
C ILE B 186 20.54 -15.62 -32.79
N ALA B 187 19.29 -15.20 -32.98
CA ALA B 187 18.62 -14.36 -32.01
C ALA B 187 18.48 -15.12 -30.61
N ASP B 188 18.93 -16.36 -30.61
CA ASP B 188 18.90 -17.28 -29.50
C ASP B 188 20.28 -17.48 -28.88
N VAL B 189 21.29 -16.71 -29.28
CA VAL B 189 22.62 -16.75 -28.70
C VAL B 189 22.68 -15.70 -27.58
N PRO B 190 23.23 -16.02 -26.37
CA PRO B 190 23.40 -15.15 -25.22
C PRO B 190 23.91 -13.77 -25.63
N GLY B 191 23.21 -12.69 -25.20
CA GLY B 191 23.52 -11.29 -25.51
C GLY B 191 22.95 -10.73 -26.81
N ILE B 192 22.49 -11.58 -27.73
CA ILE B 192 21.91 -11.16 -28.97
C ILE B 192 20.53 -10.97 -28.63
N GLY B 193 20.12 -9.72 -28.58
CA GLY B 193 18.68 -9.47 -28.61
C GLY B 193 17.82 -9.23 -29.87
N ASN B 194 16.64 -8.84 -29.51
CA ASN B 194 15.64 -8.50 -30.44
C ASN B 194 16.23 -7.53 -31.44
N ILE B 195 16.96 -6.55 -30.94
CA ILE B 195 17.57 -5.53 -31.78
C ILE B 195 18.70 -6.15 -32.58
N THR B 196 19.73 -6.74 -31.95
CA THR B 196 20.73 -7.42 -32.76
C THR B 196 20.07 -8.49 -33.66
N ALA B 197 18.91 -9.06 -33.28
CA ALA B 197 18.33 -10.15 -34.12
C ALA B 197 17.96 -9.66 -35.52
N GLU B 198 17.07 -8.68 -35.58
CA GLU B 198 16.71 -8.04 -36.85
C GLU B 198 17.89 -7.47 -37.69
N LYS B 199 18.77 -6.68 -37.09
CA LYS B 199 19.91 -6.06 -37.76
C LYS B 199 20.95 -6.99 -38.44
N LEU B 200 20.68 -8.31 -38.39
CA LEU B 200 21.41 -9.35 -39.10
C LEU B 200 20.48 -9.93 -40.15
N LYS B 201 19.95 -9.07 -41.00
CA LYS B 201 19.21 -9.55 -42.19
C LYS B 201 19.61 -8.49 -43.19
N LYS B 202 19.53 -7.25 -42.69
CA LYS B 202 20.29 -6.17 -43.28
C LYS B 202 21.66 -6.74 -43.69
N LEU B 203 22.13 -7.73 -42.94
CA LEU B 203 23.30 -8.46 -43.33
C LEU B 203 22.67 -9.85 -43.58
N GLY B 204 21.38 -10.03 -43.33
CA GLY B 204 20.75 -11.37 -43.55
C GLY B 204 21.58 -12.57 -43.03
N ILE B 205 22.16 -12.35 -41.86
CA ILE B 205 22.94 -13.37 -41.19
C ILE B 205 21.94 -14.15 -40.28
N ASN B 206 21.74 -15.44 -40.59
CA ASN B 206 20.64 -16.20 -39.93
C ASN B 206 21.07 -17.34 -38.99
N LYS B 207 22.38 -17.63 -38.99
CA LYS B 207 22.97 -18.74 -38.24
C LYS B 207 24.38 -18.33 -37.93
N LEU B 208 24.95 -18.86 -36.84
CA LEU B 208 26.27 -18.43 -36.33
C LEU B 208 27.50 -18.84 -37.14
N VAL B 209 27.32 -19.05 -38.42
CA VAL B 209 28.46 -19.44 -39.21
C VAL B 209 28.52 -18.37 -40.26
N ASP B 210 27.38 -18.05 -40.83
CA ASP B 210 27.28 -16.83 -41.64
C ASP B 210 28.27 -15.74 -41.31
N THR B 211 28.73 -15.64 -40.06
CA THR B 211 29.69 -14.60 -39.63
C THR B 211 31.08 -14.67 -40.22
N LEU B 212 31.34 -15.74 -40.96
CA LEU B 212 32.61 -15.90 -41.66
C LEU B 212 32.52 -15.32 -43.13
N SER B 213 31.56 -15.78 -43.95
CA SER B 213 31.33 -15.19 -45.29
C SER B 213 30.52 -13.87 -45.32
N ILE B 214 31.20 -12.81 -44.88
CA ILE B 214 30.76 -11.40 -44.96
C ILE B 214 31.98 -10.61 -44.53
N GLU B 215 31.81 -9.34 -44.16
CA GLU B 215 32.98 -8.60 -43.67
C GLU B 215 32.90 -7.75 -42.40
N PHE B 216 33.97 -7.85 -41.62
CA PHE B 216 34.04 -7.15 -40.37
C PHE B 216 34.26 -5.67 -40.54
N ASP B 217 33.73 -5.04 -41.56
CA ASP B 217 33.70 -3.58 -41.49
C ASP B 217 32.26 -3.27 -41.28
N LYS B 218 31.51 -4.02 -42.07
CA LYS B 218 30.06 -4.09 -42.16
C LYS B 218 29.43 -4.56 -40.78
N LEU B 219 29.87 -5.74 -40.37
CA LEU B 219 29.54 -6.36 -39.14
C LEU B 219 29.61 -5.26 -38.13
N LYS B 220 30.83 -4.99 -37.69
CA LYS B 220 31.15 -3.84 -36.85
C LYS B 220 30.20 -2.60 -37.06
N GLY B 221 30.29 -1.91 -38.19
CA GLY B 221 29.45 -0.74 -38.37
C GLY B 221 27.97 -1.00 -38.16
N MET B 222 27.54 -2.25 -38.28
CA MET B 222 26.14 -2.48 -38.00
C MET B 222 25.89 -2.94 -36.52
N ILE B 223 26.90 -3.52 -35.88
CA ILE B 223 26.68 -4.10 -34.56
C ILE B 223 27.78 -3.92 -33.52
N GLY B 224 29.01 -3.60 -33.91
CA GLY B 224 29.96 -3.12 -32.91
C GLY B 224 31.03 -4.12 -32.77
N GLU B 225 32.28 -3.63 -32.60
CA GLU B 225 33.49 -4.45 -32.37
C GLU B 225 33.34 -5.21 -31.09
N ALA B 226 32.24 -4.93 -30.45
CA ALA B 226 31.90 -5.56 -29.27
C ALA B 226 31.29 -6.87 -29.68
N LYS B 227 30.14 -6.75 -30.35
CA LYS B 227 29.27 -7.87 -30.60
C LYS B 227 29.82 -8.66 -31.80
N ALA B 228 30.63 -7.95 -32.64
CA ALA B 228 31.34 -8.59 -33.82
C ALA B 228 32.32 -9.63 -33.31
N LYS B 229 33.45 -9.16 -32.75
CA LYS B 229 34.49 -9.92 -32.07
C LYS B 229 34.07 -11.07 -31.27
N TYR B 230 32.93 -10.96 -30.55
CA TYR B 230 32.27 -12.02 -29.73
C TYR B 230 31.62 -13.10 -30.56
N LEU B 231 30.81 -12.79 -31.61
CA LEU B 231 30.20 -13.97 -32.34
C LEU B 231 31.14 -14.55 -33.34
N ILE B 232 32.00 -13.73 -33.90
CA ILE B 232 32.93 -14.28 -34.81
C ILE B 232 33.59 -15.40 -34.06
N SER B 233 34.28 -15.14 -32.95
CA SER B 233 34.90 -16.23 -32.14
C SER B 233 34.05 -17.47 -31.90
N LEU B 234 32.82 -17.23 -31.44
CA LEU B 234 31.92 -18.33 -31.31
C LEU B 234 31.74 -19.05 -32.64
N ALA B 235 31.54 -18.29 -33.74
CA ALA B 235 31.31 -18.79 -35.14
C ALA B 235 32.53 -19.65 -35.49
N ARG B 236 33.75 -19.17 -35.15
CA ARG B 236 35.00 -19.96 -35.28
C ARG B 236 35.22 -20.85 -34.07
N ASP B 237 34.39 -20.70 -33.05
CA ASP B 237 34.45 -21.65 -31.99
C ASP B 237 35.82 -21.43 -31.42
N GLU B 238 36.24 -20.18 -31.38
CA GLU B 238 37.49 -19.91 -30.75
C GLU B 238 37.20 -18.98 -29.52
N TYR B 239 35.96 -19.09 -29.02
CA TYR B 239 35.54 -18.31 -27.85
C TYR B 239 36.20 -18.47 -26.47
N ASN B 240 36.58 -19.66 -26.03
CA ASN B 240 37.12 -19.81 -24.63
C ASN B 240 37.27 -18.58 -23.68
N GLU B 241 36.69 -18.64 -22.45
CA GLU B 241 36.65 -17.38 -21.58
C GLU B 241 36.16 -17.72 -20.24
N PRO B 242 37.03 -17.40 -19.25
CA PRO B 242 36.99 -17.63 -17.81
C PRO B 242 35.87 -17.13 -17.00
N ILE B 243 35.55 -17.97 -16.01
CA ILE B 243 34.54 -17.84 -14.97
C ILE B 243 35.04 -17.13 -13.63
N ARG B 244 34.72 -15.84 -13.54
CA ARG B 244 34.99 -15.06 -12.37
C ARG B 244 33.69 -14.45 -11.84
N THR B 245 33.90 -13.93 -10.64
CA THR B 245 32.92 -14.04 -9.59
C THR B 245 31.80 -13.17 -9.87
N ARG B 246 32.20 -12.18 -10.67
CA ARG B 246 31.37 -11.11 -11.16
C ARG B 246 30.57 -10.46 -10.02
N VAL B 247 30.65 -9.15 -9.90
CA VAL B 247 29.76 -8.69 -8.90
C VAL B 247 28.90 -7.55 -9.39
N ARG B 248 27.71 -7.34 -8.84
CA ARG B 248 27.00 -6.13 -9.13
C ARG B 248 27.91 -4.97 -8.77
N LYS B 249 28.24 -4.14 -9.73
CA LYS B 249 28.98 -2.88 -9.55
C LYS B 249 28.03 -1.76 -9.98
N SER B 250 26.77 -1.82 -9.56
CA SER B 250 25.87 -0.70 -9.70
C SER B 250 24.60 -0.94 -8.88
N ILE B 251 24.01 0.16 -8.39
CA ILE B 251 22.85 0.02 -7.44
C ILE B 251 21.80 1.08 -7.73
N GLY B 252 20.70 0.64 -8.31
CA GLY B 252 19.79 1.60 -8.84
C GLY B 252 18.55 1.60 -8.06
N ARG B 253 17.65 2.50 -8.46
CA ARG B 253 16.28 2.63 -7.97
C ARG B 253 15.39 3.63 -8.76
N ILE B 254 15.38 3.58 -10.07
CA ILE B 254 14.51 4.44 -10.85
C ILE B 254 13.00 4.32 -10.42
N VAL B 255 12.29 5.44 -10.15
CA VAL B 255 10.84 5.41 -9.71
C VAL B 255 9.76 6.20 -10.56
N THR B 256 8.63 5.55 -10.92
CA THR B 256 7.42 6.21 -11.57
C THR B 256 6.73 7.26 -10.65
N MET B 257 6.34 8.44 -11.12
CA MET B 257 5.73 9.39 -10.16
C MET B 257 4.32 8.91 -9.81
N LYS B 258 3.35 9.74 -10.18
CA LYS B 258 1.93 9.46 -10.09
C LYS B 258 1.52 10.50 -11.09
N ARG B 259 1.21 11.67 -10.56
CA ARG B 259 0.97 12.85 -11.37
C ARG B 259 2.30 13.36 -11.96
N ASN B 260 2.70 12.65 -13.02
CA ASN B 260 3.90 12.81 -13.85
C ASN B 260 4.07 14.18 -14.51
N SER B 261 5.04 14.94 -13.99
CA SER B 261 5.10 16.38 -14.26
C SER B 261 6.52 17.00 -14.27
N ARG B 262 6.69 18.28 -13.95
CA ARG B 262 8.04 18.83 -13.99
C ARG B 262 8.31 20.10 -13.20
N ASN B 263 7.59 20.22 -12.08
CA ASN B 263 7.81 21.33 -11.14
C ASN B 263 9.14 21.31 -10.30
N LEU B 264 10.09 20.44 -10.66
CA LEU B 264 11.39 20.33 -10.00
C LEU B 264 11.24 20.19 -8.51
N GLU B 265 10.40 21.04 -7.91
CA GLU B 265 10.00 20.81 -6.51
C GLU B 265 9.04 19.59 -6.43
N GLU B 266 7.95 19.68 -7.22
CA GLU B 266 6.92 18.66 -7.26
C GLU B 266 7.54 17.28 -7.46
N ILE B 267 8.84 17.28 -7.66
CA ILE B 267 9.56 16.13 -8.14
C ILE B 267 10.48 15.57 -7.10
N LYS B 268 10.91 16.43 -6.20
CA LYS B 268 11.98 16.04 -5.30
C LYS B 268 11.65 14.85 -4.40
N PRO B 269 10.43 14.83 -3.86
CA PRO B 269 10.19 13.65 -3.01
C PRO B 269 10.58 12.39 -3.78
N TYR B 270 9.84 12.21 -4.89
CA TYR B 270 10.15 11.15 -5.84
C TYR B 270 11.66 10.83 -5.88
N LEU B 271 12.50 11.85 -6.00
CA LEU B 271 13.92 11.65 -6.22
C LEU B 271 14.45 11.08 -4.94
N PHE B 272 14.01 11.66 -3.82
CA PHE B 272 14.60 11.29 -2.52
C PHE B 272 14.19 9.95 -2.06
N ARG B 273 12.98 9.60 -2.47
CA ARG B 273 12.51 8.35 -1.94
C ARG B 273 13.45 7.30 -2.48
N ALA B 274 14.16 7.64 -3.57
CA ALA B 274 14.97 6.70 -4.32
C ALA B 274 16.44 6.63 -3.97
N ILE B 275 16.95 7.74 -3.39
CA ILE B 275 18.28 7.74 -2.82
C ILE B 275 18.08 6.99 -1.53
N GLU B 276 17.02 7.34 -0.79
CA GLU B 276 16.66 6.54 0.34
C GLU B 276 16.72 5.08 0.09
N GLU B 277 15.84 4.56 -0.73
CA GLU B 277 15.82 3.14 -0.96
C GLU B 277 17.15 2.66 -1.49
N SER B 278 17.82 3.49 -2.31
CA SER B 278 19.06 3.08 -3.02
C SER B 278 20.15 2.86 -2.04
N TYR B 279 20.24 3.72 -1.08
CA TYR B 279 21.34 3.71 -0.16
C TYR B 279 21.29 2.64 0.92
N TYR B 280 20.07 2.20 1.26
CA TYR B 280 19.84 0.99 2.08
C TYR B 280 20.22 -0.22 1.17
N LYS B 281 19.61 -0.25 -0.03
CA LYS B 281 20.09 -1.22 -1.02
C LYS B 281 21.60 -1.13 -1.03
N LEU B 282 22.20 0.06 -0.97
CA LEU B 282 23.66 0.08 -1.01
C LEU B 282 24.26 -0.63 0.13
N ASP B 283 23.99 -0.12 1.32
CA ASP B 283 24.67 -0.59 2.53
C ASP B 283 26.19 -0.63 2.45
N LYS B 284 26.83 0.31 3.11
CA LYS B 284 28.27 0.10 3.36
C LYS B 284 29.31 0.39 2.31
N ARG B 285 28.98 0.05 1.04
CA ARG B 285 29.81 0.29 -0.16
C ARG B 285 29.54 1.72 -0.53
N ILE B 286 30.63 2.43 -0.75
CA ILE B 286 30.60 3.85 -1.03
C ILE B 286 30.63 4.14 -2.53
N PRO B 287 29.55 4.80 -3.04
CA PRO B 287 29.67 5.06 -4.41
C PRO B 287 30.41 6.37 -4.57
N LYS B 288 30.91 6.54 -5.80
CA LYS B 288 31.64 7.71 -6.31
C LYS B 288 30.90 8.41 -7.42
N ALA B 289 30.07 7.67 -8.20
CA ALA B 289 29.18 8.17 -9.30
C ALA B 289 27.69 8.18 -9.00
N ILE B 290 26.94 9.09 -9.62
CA ILE B 290 25.48 9.21 -9.44
C ILE B 290 24.77 9.59 -10.80
N HIS B 291 23.47 9.32 -10.93
CA HIS B 291 22.86 9.63 -12.20
C HIS B 291 21.44 9.76 -11.95
N VAL B 292 20.97 10.98 -12.08
CA VAL B 292 19.54 11.15 -12.08
C VAL B 292 19.02 10.54 -13.44
N VAL B 293 17.88 9.86 -13.42
CA VAL B 293 17.37 9.20 -14.64
C VAL B 293 15.92 9.55 -14.68
N ALA B 294 15.27 9.40 -15.83
CA ALA B 294 13.89 9.85 -16.11
C ALA B 294 13.39 9.44 -17.51
N VAL B 295 12.07 9.35 -17.61
CA VAL B 295 11.39 8.87 -18.83
C VAL B 295 10.69 10.08 -19.35
N THR B 296 11.22 10.79 -20.35
CA THR B 296 10.53 12.07 -20.47
C THR B 296 9.05 11.78 -20.68
N GLU B 297 8.23 12.83 -20.54
CA GLU B 297 6.76 12.72 -20.65
C GLU B 297 6.26 11.30 -21.12
N ASP B 298 6.66 10.90 -22.30
CA ASP B 298 6.27 9.61 -22.76
C ASP B 298 7.57 8.90 -22.71
N LEU B 299 7.52 7.62 -22.98
CA LEU B 299 8.70 6.76 -22.97
C LEU B 299 9.97 7.50 -23.37
N ASP B 300 11.07 7.18 -22.69
CA ASP B 300 12.38 7.70 -23.05
C ASP B 300 13.31 7.72 -21.88
N ILE B 301 14.52 7.18 -22.07
CA ILE B 301 15.60 7.37 -21.10
C ILE B 301 16.06 8.83 -21.22
N VAL B 302 16.71 9.33 -20.19
CA VAL B 302 17.51 10.56 -20.26
C VAL B 302 18.09 10.68 -18.91
N SER B 303 19.43 10.77 -18.85
CA SER B 303 20.21 10.75 -17.63
C SER B 303 21.43 11.69 -17.55
N ARG B 304 21.49 12.53 -16.52
CA ARG B 304 22.75 13.23 -16.33
C ARG B 304 23.44 12.81 -15.03
N GLY B 305 24.76 12.65 -15.06
CA GLY B 305 25.44 12.08 -13.86
C GLY B 305 26.85 12.58 -13.59
N ARG B 306 27.44 12.36 -12.39
CA ARG B 306 28.81 12.79 -12.00
C ARG B 306 29.65 11.67 -11.38
N THR B 307 30.96 11.86 -11.49
CA THR B 307 31.94 10.98 -10.92
C THR B 307 32.82 11.77 -9.95
N PHE B 308 32.31 12.13 -8.78
CA PHE B 308 33.12 12.71 -7.72
C PHE B 308 34.49 11.98 -7.50
N PRO B 309 35.60 12.73 -7.17
CA PRO B 309 36.81 11.90 -6.83
C PRO B 309 36.72 11.02 -5.58
N HIS B 310 35.79 11.30 -4.66
CA HIS B 310 35.70 10.62 -3.36
C HIS B 310 34.43 9.75 -3.24
N GLY B 311 33.83 9.62 -2.05
CA GLY B 311 32.59 8.94 -1.87
C GLY B 311 31.49 9.96 -1.72
N ILE B 312 30.33 9.47 -2.05
CA ILE B 312 29.15 10.30 -2.01
C ILE B 312 28.41 9.99 -0.68
N SER B 313 28.11 11.02 0.09
CA SER B 313 27.40 10.87 1.32
C SER B 313 25.90 10.97 1.03
N LYS B 314 25.08 10.20 1.72
CA LYS B 314 23.63 10.36 1.52
C LYS B 314 23.26 11.85 1.35
N GLU B 315 24.00 12.65 2.10
CA GLU B 315 23.85 14.09 2.09
C GLU B 315 24.50 14.77 0.87
N THR B 316 25.73 14.42 0.48
CA THR B 316 26.13 14.88 -0.85
C THR B 316 25.09 14.31 -1.93
N ALA B 317 24.79 13.02 -1.88
CA ALA B 317 23.84 12.45 -2.83
C ALA B 317 22.65 13.34 -3.01
N TYR B 318 22.29 14.11 -2.00
CA TYR B 318 21.11 14.89 -2.23
C TYR B 318 21.48 16.12 -3.05
N SER B 319 22.43 16.91 -2.58
CA SER B 319 22.51 18.18 -3.19
C SER B 319 22.60 17.94 -4.69
N GLU B 320 23.67 17.24 -5.08
CA GLU B 320 24.00 17.12 -6.49
C GLU B 320 22.93 16.47 -7.14
N SER B 321 22.35 15.50 -6.47
CA SER B 321 21.25 14.85 -7.13
C SER B 321 20.30 15.88 -7.78
N VAL B 322 20.19 17.11 -7.27
CA VAL B 322 19.27 18.15 -7.87
C VAL B 322 19.83 18.97 -9.01
N LYS B 323 21.01 19.51 -8.80
CA LYS B 323 21.76 20.11 -9.87
C LYS B 323 21.57 19.18 -11.05
N LEU B 324 22.13 17.97 -10.94
CA LEU B 324 22.15 17.12 -12.11
C LEU B 324 20.76 17.03 -12.58
N LEU B 325 19.85 16.80 -11.66
CA LEU B 325 18.52 16.91 -12.07
C LEU B 325 18.21 18.24 -12.86
N GLN B 326 18.53 19.42 -12.31
CA GLN B 326 17.94 20.66 -12.90
C GLN B 326 18.47 20.70 -14.28
N LYS B 327 19.80 20.60 -14.31
CA LYS B 327 20.60 20.43 -15.51
C LYS B 327 19.93 19.62 -16.66
N ILE B 328 18.80 18.96 -16.42
CA ILE B 328 18.19 18.13 -17.48
C ILE B 328 16.83 18.62 -17.83
N LEU B 329 16.28 19.48 -16.98
CA LEU B 329 15.04 20.05 -17.41
C LEU B 329 15.58 21.07 -18.39
N GLU B 330 16.93 21.17 -18.32
CA GLU B 330 17.76 21.95 -19.27
C GLU B 330 17.67 21.45 -20.74
N GLU B 331 17.48 20.14 -20.96
CA GLU B 331 17.17 19.61 -22.30
C GLU B 331 15.90 18.78 -22.25
N ASP B 332 15.24 18.68 -21.09
CA ASP B 332 13.85 18.09 -21.02
C ASP B 332 12.65 19.10 -20.99
N GLU B 333 12.10 19.26 -22.20
CA GLU B 333 10.88 20.03 -22.44
C GLU B 333 9.72 19.17 -21.95
N ARG B 334 9.76 17.87 -22.24
CA ARG B 334 8.62 17.04 -21.90
C ARG B 334 8.38 17.06 -20.39
N LYS B 335 7.18 16.67 -19.98
CA LYS B 335 6.87 16.53 -18.58
C LYS B 335 7.80 15.37 -18.19
N ILE B 336 7.65 14.83 -16.98
CA ILE B 336 8.47 13.66 -16.63
C ILE B 336 7.57 12.62 -16.04
N ARG B 337 7.90 11.38 -16.36
CA ARG B 337 6.96 10.29 -16.15
C ARG B 337 7.37 9.46 -14.98
N ARG B 338 8.63 9.01 -15.01
CA ARG B 338 9.32 8.44 -13.83
C ARG B 338 10.79 8.94 -13.73
N ILE B 339 11.26 9.21 -12.49
CA ILE B 339 12.63 9.70 -12.20
C ILE B 339 13.30 8.84 -11.16
N GLY B 340 14.62 8.71 -11.18
CA GLY B 340 15.24 7.88 -10.15
C GLY B 340 16.70 8.01 -10.35
N VAL B 341 17.53 7.23 -9.65
CA VAL B 341 19.01 7.40 -9.60
C VAL B 341 19.90 6.11 -9.46
N ARG B 342 21.22 6.24 -9.60
CA ARG B 342 22.10 5.05 -9.60
C ARG B 342 23.50 5.39 -9.20
N PHE B 343 24.02 4.62 -8.26
CA PHE B 343 25.37 4.83 -7.81
C PHE B 343 26.21 3.71 -8.40
N SER B 344 27.50 4.03 -8.51
CA SER B 344 28.51 3.06 -8.88
C SER B 344 29.90 3.44 -8.56
N LYS B 345 30.80 3.17 -9.48
CA LYS B 345 32.23 3.34 -9.24
C LYS B 345 32.56 2.95 -7.79
N PHE B 346 31.91 1.87 -7.38
CA PHE B 346 31.95 1.52 -5.97
C PHE B 346 33.37 1.61 -5.48
N ILE B 347 33.61 2.28 -4.35
CA ILE B 347 34.92 2.27 -3.70
C ILE B 347 35.01 0.88 -2.97
N GLU B 348 36.11 0.34 -2.66
N1 DOC C 14 -20.60 4.10 13.45
N1 DOC C 14 -21.10 11.79 20.39
C2 DOC C 14 -19.68 3.20 14.08
C2 DOC C 14 -20.62 12.19 21.60
N3 DOC C 14 -20.15 2.26 14.94
N3 DOC C 14 -20.43 11.29 22.60
C4 DOC C 14 -21.47 2.18 15.20
C4 DOC C 14 -20.73 10.00 22.38
C5 DOC C 14 -22.41 3.07 14.59
C5 DOC C 14 -21.24 9.55 21.12
C6 DOC C 14 -21.93 4.00 13.73
C6 DOC C 14 -21.41 10.48 20.15
O2 DOC C 14 -18.44 3.23 13.89
O2 DOC C 14 -20.36 13.40 21.77
N4 DOC C 14 -21.89 1.22 16.06
N4 DOC C 14 -20.54 9.14 23.37
C1' DOC C 14 -20.12 5.16 12.52
C1' DOC C 14 -21.32 12.83 19.30
C2' DOC C 14 -21.05 5.59 11.39
C2' DOC C 14 -19.97 13.33 18.78
C3' DOC C 14 -20.46 6.99 11.02
C3' DOC C 14 -19.77 12.48 17.53
C4' DOC C 14 -20.10 7.44 12.42
C4' DOC C 14 -21.18 12.28 17.01
O4' DOC C 14 -19.87 6.34 13.25
O4' DOC C 14 -21.98 12.18 18.23
C5' DOC C 14 -21.07 8.48 12.95
C5' DOC C 14 -21.44 10.97 16.31
O5' DOC C 14 -22.34 7.87 13.22
O5' DOC C 14 -22.76 11.00 15.68
P DOC C 14 -23.21 8.61 14.33
P DOC C 14 -23.30 9.56 15.21
OP1 DOC C 14 -23.54 9.95 13.86
OP1 DOC C 14 -24.54 9.20 15.96
OP2 DOC C 14 -24.36 7.68 14.73
OP2 DOC C 14 -23.57 9.70 13.73
N1 DOC D 14 12.31 -10.81 -18.53
N1 DOC D 14 24.28 -9.82 -18.68
C2 DOC D 14 12.03 -9.35 -18.69
C2 DOC D 14 25.33 -8.92 -18.81
N3 DOC D 14 12.04 -8.84 -19.90
N3 DOC D 14 25.17 -7.82 -19.58
C4 DOC D 14 12.27 -9.60 -20.96
C4 DOC D 14 24.01 -7.60 -20.20
C5 DOC D 14 12.53 -11.00 -20.87
C5 DOC D 14 22.91 -8.50 -20.08
C6 DOC D 14 12.55 -11.55 -19.65
C6 DOC D 14 23.08 -9.60 -19.32
O2 DOC D 14 11.77 -8.54 -17.76
O2 DOC D 14 26.39 -9.16 -18.22
N4 DOC D 14 12.24 -9.01 -22.16
N4 DOC D 14 23.88 -6.50 -20.95
C1' DOC D 14 12.40 -11.58 -17.28
C1' DOC D 14 24.50 -11.03 -17.83
C2' DOC D 14 11.76 -12.99 -17.10
C2' DOC D 14 23.82 -10.88 -16.48
C3' DOC D 14 12.61 -13.51 -15.92
C3' DOC D 14 22.52 -11.55 -16.75
C4' DOC D 14 14.01 -12.95 -16.26
C4' DOC D 14 22.85 -12.77 -17.61
O4' DOC D 14 13.79 -11.82 -17.07
O4' DOC D 14 23.87 -12.12 -18.50
C5' DOC D 14 15.02 -13.91 -16.85
C5' DOC D 14 21.73 -13.08 -18.61
O5' DOC D 14 15.66 -13.38 -18.07
O5' DOC D 14 20.57 -13.20 -17.84
P DOC D 14 17.03 -14.07 -18.52
P DOC D 14 19.26 -13.82 -18.53
OP1 DOC D 14 17.61 -14.94 -17.50
OP1 DOC D 14 19.76 -14.18 -19.86
OP2 DOC D 14 16.83 -14.49 -19.98
OP2 DOC D 14 18.69 -14.81 -17.55
P O2G E 5 -9.88 -3.70 15.35
OP1 O2G E 5 -8.80 -4.66 15.02
OP2 O2G E 5 -9.85 -2.95 16.78
O5' O2G E 5 -9.82 -2.64 14.14
C5' O2G E 5 -9.23 -3.01 12.90
C4' O2G E 5 -9.25 -1.81 11.95
O4' O2G E 5 -10.62 -1.42 11.78
C3' O2G E 5 -8.59 -0.63 12.67
O3' O2G E 5 -8.23 0.42 11.78
C2' O2G E 5 -9.70 -0.21 13.63
C1' O2G E 5 -10.91 -0.35 12.71
N9 O2G E 5 -12.17 -0.56 13.46
C8 O2G E 5 -12.45 -1.56 14.28
N7 O2G E 5 -13.67 -1.42 14.79
C5 O2G E 5 -14.24 -0.28 14.28
C6 O2G E 5 -15.35 0.37 14.41
O6 O2G E 5 -16.28 -0.10 15.18
N1 O2G E 5 -15.61 1.58 13.75
C2 O2G E 5 -14.62 2.08 12.91
N2 O2G E 5 -14.77 3.23 12.30
N3 O2G E 5 -13.45 1.38 12.78
C4 O2G E 5 -13.22 0.28 13.41
CM1 O2G E 5 -13.72 3.76 11.40
CM2 O2G E 5 -16.01 4.01 12.47
P O2G F 5 5.78 0.86 -17.11
OP1 O2G F 5 5.07 2.01 -16.50
OP2 O2G F 5 7.01 1.13 -18.13
O5' O2G F 5 6.30 0.02 -15.84
C5' O2G F 5 5.40 -0.24 -14.76
C4' O2G F 5 6.20 -0.69 -13.54
O4' O2G F 5 6.77 -1.99 -13.82
C3' O2G F 5 7.39 0.25 -13.39
O3' O2G F 5 7.86 0.30 -12.05
C2' O2G F 5 8.38 -0.32 -14.41
C1' O2G F 5 8.06 -1.81 -14.44
N9 O2G F 5 8.18 -2.40 -15.80
C8 O2G F 5 7.66 -1.89 -16.91
N7 O2G F 5 7.97 -2.64 -17.96
C5 O2G F 5 8.70 -3.67 -17.52
C6 O2G F 5 9.33 -4.73 -18.16
O6 O2G F 5 9.27 -4.83 -19.38
N1 O2G F 5 10.06 -5.64 -17.40
C2 O2G F 5 10.16 -5.44 -16.02
N2 O2G F 5 10.95 -6.23 -15.29
N3 O2G F 5 9.54 -4.40 -15.43
C4 O2G F 5 8.83 -3.52 -16.14
CM1 O2G F 5 11.02 -6.06 -13.83
CM2 O2G F 5 11.72 -7.29 -15.94
MG MG G . -23.76 10.74 8.69
MG MG H . -28.28 4.22 19.94
MG MG I . 15.56 -17.81 -14.76
MG MG J . 18.43 -13.75 -27.10
#